data_8EVX
#
_entry.id   8EVX
#
_cell.length_a   47.467
_cell.length_b   133.053
_cell.length_c   53.852
_cell.angle_alpha   90.00
_cell.angle_beta   109.17
_cell.angle_gamma   90.00
#
_symmetry.space_group_name_H-M   'P 1 21 1'
#
loop_
_entity.id
_entity.type
_entity.pdbx_description
1 polymer 'D-alanine--D-alanine ligase A'
2 non-polymer "ADENOSINE-5'-DIPHOSPHATE"
3 non-polymer '[(4R)-4-azanyl-4,5-dihydro-1,2-oxazol-3-yl] dihydrogen phosphate'
4 non-polymer 'MAGNESIUM ION'
5 non-polymer 'POTASSIUM ION'
6 water water
#
_entity_poly.entity_id   1
_entity_poly.type   'polypeptide(L)'
_entity_poly.pdbx_seq_one_letter_code
;SMGQDKLKVAVLFGGSSEERDVSIASGAQVIQALRSAGHQVLAVDTASGLLGAEEERRLLASKVKEVPPDSDSLAIIRSG
KQSLLSAGELAGVDVFFLALHGGTGEDGTLQALLDAGGFAYTGSGHLASAMAMDKDVAKRLFLAAGVETASWLMAPASEE
EVREQLGFPLVVKPNSQGSTVGLSIVHSQAELQPAIELAGRYGDEVMLERFVAGREVTVGVLDDQALPVGEILLGGQEVF
DYEHKYQAGAVREVFPADLPPAIAAEAQRLALKVHRALKLSGYSRTDFRLDEQGRLWCLEVNTLPGMTATSLLPQAAAAA
GIGFAELCERICRLGIERCKGARKARS
;
_entity_poly.pdbx_strand_id   A,B
#
loop_
_chem_comp.id
_chem_comp.type
_chem_comp.name
_chem_comp.formula
ADP non-polymer ADENOSINE-5'-DIPHOSPHATE 'C10 H15 N5 O10 P2'
DS0 non-polymer '[(4R)-4-azanyl-4,5-dihydro-1,2-oxazol-3-yl] dihydrogen phosphate' 'C3 H7 N2 O5 P'
K non-polymer 'POTASSIUM ION' 'K 1'
MG non-polymer 'MAGNESIUM ION' 'Mg 2'
#
# COMPACT_ATOMS: atom_id res chain seq x y z
N LYS A 6 32.70 -10.44 1.39
CA LYS A 6 32.33 -9.10 1.82
C LYS A 6 31.50 -8.39 0.75
N LEU A 7 30.66 -7.46 1.18
CA LEU A 7 29.73 -6.77 0.31
C LEU A 7 30.14 -5.31 0.11
N LYS A 8 29.56 -4.70 -0.90
CA LYS A 8 29.61 -3.26 -1.12
C LYS A 8 28.22 -2.72 -0.84
N VAL A 9 28.08 -1.92 0.21
CA VAL A 9 26.79 -1.49 0.73
C VAL A 9 26.69 0.02 0.66
N ALA A 10 25.57 0.52 0.13
CA ALA A 10 25.23 1.92 0.21
C ALA A 10 24.17 2.09 1.29
N VAL A 11 24.52 2.79 2.36
CA VAL A 11 23.58 3.05 3.45
C VAL A 11 22.89 4.39 3.18
N LEU A 12 21.59 4.33 2.93
CA LEU A 12 20.78 5.52 2.69
C LEU A 12 20.14 5.95 4.01
N PHE A 13 20.23 7.23 4.34
CA PHE A 13 19.75 7.69 5.63
C PHE A 13 19.41 9.17 5.52
N GLY A 14 18.92 9.73 6.63
CA GLY A 14 18.57 11.13 6.68
C GLY A 14 17.17 11.40 6.18
N GLY A 15 17.05 11.81 4.92
CA GLY A 15 15.75 12.11 4.36
C GLY A 15 15.22 13.44 4.85
N SER A 16 13.92 13.66 4.61
CA SER A 16 13.27 14.90 4.98
C SER A 16 12.01 14.66 5.79
N SER A 17 11.87 13.50 6.42
CA SER A 17 10.74 13.27 7.31
C SER A 17 11.06 13.80 8.70
N GLU A 18 10.02 13.84 9.55
CA GLU A 18 10.19 14.24 10.94
C GLU A 18 11.10 13.29 11.72
N GLU A 19 11.39 12.10 11.19
CA GLU A 19 12.31 11.17 11.82
C GLU A 19 13.72 11.26 11.26
N ARG A 20 14.07 12.39 10.64
CA ARG A 20 15.39 12.54 10.03
C ARG A 20 16.51 12.34 11.05
N ASP A 21 16.37 12.93 12.25
CA ASP A 21 17.44 12.82 13.23
C ASP A 21 17.59 11.37 13.71
N VAL A 22 16.48 10.66 13.87
CA VAL A 22 16.54 9.24 14.21
C VAL A 22 17.22 8.46 13.10
N SER A 23 16.92 8.82 11.85
CA SER A 23 17.50 8.12 10.71
C SER A 23 19.01 8.34 10.65
N ILE A 24 19.47 9.57 10.90
CA ILE A 24 20.90 9.84 10.96
C ILE A 24 21.56 8.96 12.02
N ALA A 25 20.91 8.81 13.17
CA ALA A 25 21.47 7.99 14.24
C ALA A 25 21.51 6.52 13.87
N SER A 26 20.46 6.03 13.21
CA SER A 26 20.46 4.64 12.73
C SER A 26 21.56 4.43 11.69
N GLY A 27 21.62 5.31 10.68
CA GLY A 27 22.62 5.15 9.65
C GLY A 27 24.03 5.15 10.19
N ALA A 28 24.30 6.01 11.19
CA ALA A 28 25.63 6.07 11.78
C ALA A 28 26.01 4.72 12.39
N GLN A 29 25.11 4.10 13.13
CA GLN A 29 25.39 2.78 13.72
C GLN A 29 25.58 1.72 12.64
N VAL A 30 24.72 1.71 11.62
CA VAL A 30 24.82 0.68 10.60
C VAL A 30 26.11 0.84 9.80
N ILE A 31 26.45 2.07 9.44
CA ILE A 31 27.70 2.31 8.70
C ILE A 31 28.89 1.84 9.52
N GLN A 32 28.92 2.20 10.81
CA GLN A 32 30.02 1.81 11.68
C GLN A 32 30.12 0.29 11.79
N ALA A 33 28.98 -0.38 12.01
CA ALA A 33 28.99 -1.83 12.21
C ALA A 33 29.43 -2.56 10.96
N LEU A 34 28.91 -2.16 9.79
CA LEU A 34 29.26 -2.86 8.56
C LEU A 34 30.71 -2.64 8.20
N ARG A 35 31.24 -1.43 8.44
CA ARG A 35 32.66 -1.19 8.20
C ARG A 35 33.52 -2.02 9.14
N SER A 36 33.06 -2.23 10.38
CA SER A 36 33.80 -3.08 11.31
C SER A 36 33.82 -4.53 10.84
N ALA A 37 32.76 -4.97 10.16
CA ALA A 37 32.68 -6.34 9.65
C ALA A 37 33.48 -6.55 8.38
N GLY A 38 34.19 -5.54 7.91
CA GLY A 38 35.03 -5.67 6.74
C GLY A 38 34.38 -5.33 5.42
N HIS A 39 33.22 -4.68 5.43
CA HIS A 39 32.53 -4.32 4.20
C HIS A 39 32.90 -2.91 3.77
N GLN A 40 32.83 -2.67 2.46
CA GLN A 40 32.92 -1.32 1.92
C GLN A 40 31.55 -0.67 1.99
N VAL A 41 31.48 0.53 2.58
CA VAL A 41 30.21 1.18 2.87
C VAL A 41 30.25 2.59 2.34
N LEU A 42 29.29 2.94 1.49
CA LEU A 42 29.07 4.30 1.04
C LEU A 42 27.94 4.91 1.87
N ALA A 43 28.14 6.13 2.34
CA ALA A 43 27.12 6.86 3.08
C ALA A 43 26.38 7.81 2.14
N VAL A 44 25.05 7.73 2.15
CA VAL A 44 24.22 8.56 1.28
C VAL A 44 23.10 9.16 2.11
N ASP A 45 23.13 10.49 2.27
CA ASP A 45 21.99 11.22 2.81
C ASP A 45 21.05 11.48 1.65
N THR A 46 19.85 10.90 1.69
CA THR A 46 18.93 11.05 0.57
C THR A 46 18.45 12.49 0.39
N ALA A 47 18.74 13.39 1.32
CA ALA A 47 18.41 14.80 1.17
C ALA A 47 19.40 15.55 0.30
N SER A 48 20.65 15.07 0.21
CA SER A 48 21.64 15.64 -0.70
C SER A 48 22.11 14.57 -1.67
N GLY A 49 23.15 13.83 -1.31
CA GLY A 49 23.63 12.77 -2.15
C GLY A 49 24.66 11.91 -1.44
N LEU A 50 25.47 11.22 -2.24
CA LEU A 50 26.59 10.47 -1.68
C LEU A 50 27.55 11.44 -0.98
N LEU A 51 27.84 11.17 0.29
CA LEU A 51 28.60 12.10 1.10
C LEU A 51 30.11 11.84 0.98
N GLY A 52 30.87 12.94 1.00
CA GLY A 52 32.30 12.85 1.23
C GLY A 52 32.59 12.65 2.71
N ALA A 53 33.87 12.41 3.01
CA ALA A 53 34.26 12.04 4.36
C ALA A 53 34.01 13.17 5.35
N GLU A 54 34.22 14.43 4.93
CA GLU A 54 34.02 15.56 5.83
C GLU A 54 32.54 15.73 6.18
N GLU A 55 31.67 15.73 5.18
CA GLU A 55 30.24 15.86 5.45
C GLU A 55 29.70 14.63 6.17
N GLU A 56 30.24 13.45 5.88
CA GLU A 56 29.88 12.26 6.64
C GLU A 56 30.22 12.42 8.11
N ARG A 57 31.44 12.91 8.41
CA ARG A 57 31.89 12.98 9.79
C ARG A 57 30.98 13.88 10.63
N ARG A 58 30.54 15.01 10.07
CA ARG A 58 29.73 15.94 10.83
C ARG A 58 28.29 15.44 10.98
N LEU A 59 27.68 15.00 9.87
CA LEU A 59 26.29 14.54 9.90
C LEU A 59 26.09 13.42 10.91
N LEU A 60 26.90 12.36 10.80
CA LEU A 60 26.69 11.16 11.60
C LEU A 60 27.00 11.35 13.08
N ALA A 61 27.78 12.38 13.45
CA ALA A 61 28.04 12.65 14.85
C ALA A 61 26.86 13.27 15.57
N SER A 62 25.82 13.68 14.85
CA SER A 62 24.72 14.42 15.44
C SER A 62 23.77 13.48 16.18
N LYS A 63 23.51 13.79 17.44
CA LYS A 63 22.64 12.97 18.28
C LYS A 63 21.19 13.43 18.16
N VAL A 64 20.27 12.48 18.40
CA VAL A 64 18.85 12.81 18.40
C VAL A 64 18.56 13.82 19.50
N LYS A 65 17.78 14.83 19.18
CA LYS A 65 17.46 15.88 20.12
C LYS A 65 16.17 15.55 20.88
N GLU A 66 15.81 16.41 21.83
CA GLU A 66 14.61 16.16 22.64
C GLU A 66 13.34 16.29 21.83
N VAL A 67 13.34 17.13 20.79
CA VAL A 67 12.19 17.32 19.93
C VAL A 67 12.60 16.99 18.49
N PRO A 68 11.67 16.54 17.64
CA PRO A 68 12.03 16.26 16.25
C PRO A 68 12.40 17.53 15.51
N PRO A 69 13.09 17.41 14.38
CA PRO A 69 13.45 18.61 13.60
C PRO A 69 12.20 19.38 13.18
N ASP A 70 12.20 20.68 13.44
CA ASP A 70 11.01 21.49 13.21
C ASP A 70 10.74 21.64 11.71
N SER A 71 9.53 22.12 11.41
CA SER A 71 9.10 22.22 10.02
C SER A 71 9.99 23.17 9.23
N ASP A 72 10.42 24.28 9.84
CA ASP A 72 11.27 25.24 9.14
C ASP A 72 12.62 24.62 8.80
N SER A 73 13.20 23.86 9.72
CA SER A 73 14.48 23.20 9.43
C SER A 73 14.31 22.16 8.33
N LEU A 74 13.24 21.37 8.39
CA LEU A 74 13.00 20.37 7.36
C LEU A 74 12.72 21.01 6.01
N ALA A 75 12.16 22.23 6.02
CA ALA A 75 11.90 22.93 4.76
C ALA A 75 13.21 23.25 4.04
N ILE A 76 14.22 23.68 4.78
CA ILE A 76 15.52 23.97 4.17
C ILE A 76 16.19 22.69 3.69
N ILE A 77 15.97 21.58 4.38
CA ILE A 77 16.52 20.30 3.93
C ILE A 77 15.79 19.82 2.69
N ARG A 78 14.47 19.95 2.67
CA ARG A 78 13.67 19.49 1.53
C ARG A 78 13.81 20.42 0.34
N GLY A 92 28.44 -0.41 -8.64
CA GLY A 92 28.87 -1.72 -8.20
C GLY A 92 28.41 -2.06 -6.80
N VAL A 93 27.35 -1.40 -6.36
CA VAL A 93 26.82 -1.60 -5.01
C VAL A 93 26.01 -2.88 -4.98
N ASP A 94 26.28 -3.74 -3.99
CA ASP A 94 25.58 -5.01 -3.89
C ASP A 94 24.17 -4.83 -3.35
N VAL A 95 24.01 -3.92 -2.39
CA VAL A 95 22.70 -3.74 -1.76
C VAL A 95 22.65 -2.33 -1.18
N PHE A 96 21.45 -1.75 -1.18
CA PHE A 96 21.17 -0.49 -0.51
C PHE A 96 20.54 -0.81 0.83
N PHE A 97 21.25 -0.50 1.92
CA PHE A 97 20.66 -0.63 3.25
C PHE A 97 19.84 0.61 3.53
N LEU A 98 18.53 0.44 3.74
CA LEU A 98 17.65 1.59 3.97
C LEU A 98 17.62 1.86 5.47
N ALA A 99 18.46 2.80 5.92
CA ALA A 99 18.46 3.26 7.30
C ALA A 99 17.56 4.47 7.50
N LEU A 100 16.51 4.60 6.69
CA LEU A 100 15.58 5.71 6.74
C LEU A 100 14.39 5.37 7.64
N HIS A 101 13.71 6.42 8.11
CA HIS A 101 12.49 6.23 8.89
C HIS A 101 11.46 7.23 8.44
N GLY A 102 10.25 6.76 8.17
CA GLY A 102 9.13 7.62 7.85
C GLY A 102 9.18 8.20 6.45
N GLY A 103 8.10 8.90 6.12
CA GLY A 103 8.02 9.60 4.85
C GLY A 103 8.20 8.68 3.67
N THR A 104 8.82 9.21 2.60
CA THR A 104 9.02 8.45 1.38
C THR A 104 10.05 7.35 1.52
N GLY A 105 10.89 7.38 2.57
CA GLY A 105 11.87 6.34 2.75
C GLY A 105 11.27 5.05 3.27
N GLU A 106 10.13 5.13 3.96
CA GLU A 106 9.51 3.98 4.58
C GLU A 106 8.13 3.65 4.02
N ASP A 107 7.48 4.57 3.30
CA ASP A 107 6.09 4.36 2.90
C ASP A 107 5.96 3.72 1.53
N GLY A 108 7.03 3.18 0.97
CA GLY A 108 6.98 2.50 -0.30
C GLY A 108 7.47 3.31 -1.48
N THR A 109 7.53 4.64 -1.34
CA THR A 109 7.92 5.48 -2.46
C THR A 109 9.34 5.19 -2.91
N LEU A 110 10.29 5.23 -1.98
CA LEU A 110 11.68 4.91 -2.31
C LEU A 110 11.82 3.46 -2.79
N GLN A 111 11.10 2.54 -2.15
CA GLN A 111 11.14 1.15 -2.56
C GLN A 111 10.75 0.99 -4.02
N ALA A 112 9.69 1.68 -4.46
CA ALA A 112 9.30 1.62 -5.87
C ALA A 112 10.36 2.25 -6.76
N LEU A 113 10.96 3.36 -6.31
CA LEU A 113 12.09 3.96 -7.02
C LEU A 113 13.19 2.94 -7.26
N LEU A 114 13.51 2.16 -6.22
CA LEU A 114 14.59 1.19 -6.33
C LEU A 114 14.17 -0.01 -7.16
N ASP A 115 12.92 -0.46 -7.04
CA ASP A 115 12.38 -1.48 -7.93
C ASP A 115 12.58 -1.08 -9.39
N ALA A 116 12.16 0.14 -9.74
CA ALA A 116 12.22 0.58 -11.13
C ALA A 116 13.65 0.62 -11.64
N GLY A 117 14.61 0.92 -10.77
CA GLY A 117 16.02 0.92 -11.14
C GLY A 117 16.69 -0.42 -11.05
N GLY A 118 15.97 -1.47 -10.64
CA GLY A 118 16.55 -2.79 -10.53
C GLY A 118 17.57 -2.95 -9.42
N PHE A 119 17.49 -2.12 -8.40
CA PHE A 119 18.43 -2.16 -7.28
C PHE A 119 17.92 -3.08 -6.19
N ALA A 120 18.86 -3.72 -5.51
CA ALA A 120 18.54 -4.52 -4.32
C ALA A 120 18.59 -3.63 -3.09
N TYR A 121 17.62 -3.83 -2.19
CA TYR A 121 17.53 -3.05 -0.98
C TYR A 121 17.00 -3.92 0.15
N THR A 122 17.16 -3.44 1.37
CA THR A 122 16.76 -4.15 2.57
C THR A 122 15.33 -3.80 2.98
N GLY A 123 14.76 -4.65 3.83
CA GLY A 123 13.41 -4.41 4.30
C GLY A 123 12.35 -4.80 3.28
N SER A 124 11.16 -4.26 3.50
CA SER A 124 9.98 -4.72 2.79
C SER A 124 9.80 -4.00 1.45
N GLY A 125 9.00 -4.61 0.57
CA GLY A 125 8.73 -4.05 -0.74
C GLY A 125 7.78 -2.86 -0.66
N HIS A 126 7.37 -2.39 -1.84
CA HIS A 126 6.69 -1.09 -1.86
C HIS A 126 5.24 -1.19 -1.41
N LEU A 127 4.50 -2.22 -1.80
CA LEU A 127 3.15 -2.39 -1.26
C LEU A 127 3.19 -2.64 0.24
N ALA A 128 4.01 -3.60 0.68
CA ALA A 128 4.11 -3.94 2.10
C ALA A 128 4.48 -2.72 2.94
N SER A 129 5.42 -1.91 2.47
CA SER A 129 5.83 -0.73 3.22
C SER A 129 4.72 0.30 3.27
N ALA A 130 3.98 0.47 2.17
CA ALA A 130 2.89 1.44 2.14
C ALA A 130 1.78 1.04 3.09
N MET A 131 1.47 -0.26 3.16
CA MET A 131 0.38 -0.68 4.04
C MET A 131 0.75 -0.53 5.50
N ALA A 132 2.00 -0.83 5.85
CA ALA A 132 2.42 -0.75 7.25
C ALA A 132 2.51 0.70 7.73
N MET A 133 2.79 1.66 6.84
CA MET A 133 2.82 3.05 7.26
C MET A 133 1.43 3.64 7.39
N ASP A 134 0.44 3.11 6.67
CA ASP A 134 -0.93 3.54 6.78
C ASP A 134 -1.54 2.78 7.96
N LYS A 135 -1.53 3.38 9.15
CA LYS A 135 -1.96 2.66 10.35
C LYS A 135 -3.41 2.21 10.27
N ASP A 136 -4.28 3.00 9.65
CA ASP A 136 -5.67 2.63 9.43
C ASP A 136 -5.78 1.33 8.63
N VAL A 137 -5.16 1.30 7.45
CA VAL A 137 -5.24 0.10 6.61
C VAL A 137 -4.61 -1.08 7.32
N ALA A 138 -3.44 -0.89 7.94
CA ALA A 138 -2.78 -1.98 8.65
C ALA A 138 -3.68 -2.59 9.71
N LYS A 139 -4.40 -1.75 10.46
CA LYS A 139 -5.27 -2.27 11.50
C LYS A 139 -6.42 -3.07 10.92
N ARG A 140 -6.94 -2.66 9.75
CA ARG A 140 -7.95 -3.47 9.07
C ARG A 140 -7.40 -4.85 8.74
N LEU A 141 -6.14 -4.91 8.29
CA LEU A 141 -5.52 -6.19 7.97
C LEU A 141 -5.17 -6.97 9.23
N PHE A 142 -4.86 -6.28 10.34
CA PHE A 142 -4.70 -6.98 11.61
C PHE A 142 -5.93 -7.80 11.94
N LEU A 143 -7.10 -7.15 11.90
CA LEU A 143 -8.34 -7.84 12.22
C LEU A 143 -8.61 -8.98 11.25
N ALA A 144 -8.31 -8.76 9.97
CA ALA A 144 -8.49 -9.82 8.98
C ALA A 144 -7.63 -11.04 9.29
N ALA A 145 -6.46 -10.82 9.90
CA ALA A 145 -5.57 -11.90 10.25
C ALA A 145 -5.79 -12.42 11.67
N GLY A 146 -6.85 -12.00 12.34
CA GLY A 146 -7.09 -12.46 13.70
C GLY A 146 -6.20 -11.84 14.74
N VAL A 147 -5.74 -10.62 14.52
CA VAL A 147 -4.89 -9.91 15.47
C VAL A 147 -5.70 -8.77 16.06
N GLU A 148 -5.97 -8.85 17.37
CA GLU A 148 -6.79 -7.84 18.03
C GLU A 148 -6.14 -6.46 17.94
N THR A 149 -6.97 -5.44 17.77
CA THR A 149 -6.53 -4.06 17.66
C THR A 149 -7.66 -3.16 18.14
N ALA A 150 -7.29 -1.98 18.64
CA ALA A 150 -8.26 -1.14 19.33
C ALA A 150 -9.21 -0.45 18.36
N SER A 151 -10.43 -0.17 18.84
CA SER A 151 -11.41 0.55 18.03
C SER A 151 -10.84 1.89 17.58
N TRP A 152 -11.25 2.33 16.38
CA TRP A 152 -10.70 3.58 15.89
C TRP A 152 -11.65 4.26 14.92
N LEU A 153 -11.47 5.57 14.79
CA LEU A 153 -12.14 6.40 13.81
C LEU A 153 -11.10 7.25 13.10
N MET A 154 -11.43 7.69 11.89
CA MET A 154 -10.59 8.57 11.10
C MET A 154 -11.24 9.96 11.12
N ALA A 155 -10.44 10.99 11.36
CA ALA A 155 -10.96 12.35 11.29
C ALA A 155 -11.35 12.69 9.85
N PRO A 156 -12.42 13.46 9.64
CA PRO A 156 -13.27 14.13 10.63
C PRO A 156 -14.31 13.22 11.28
N ALA A 157 -14.44 13.30 12.60
CA ALA A 157 -15.44 12.56 13.34
C ALA A 157 -16.16 13.51 14.28
N SER A 158 -17.49 13.54 14.19
CA SER A 158 -18.23 14.42 15.07
C SER A 158 -17.99 14.04 16.53
N GLU A 159 -17.96 15.05 17.40
CA GLU A 159 -17.87 14.79 18.84
C GLU A 159 -18.92 13.79 19.26
N GLU A 160 -20.07 13.79 18.58
CA GLU A 160 -21.12 12.81 18.82
C GLU A 160 -20.64 11.39 18.51
N GLU A 161 -20.04 11.20 17.32
CA GLU A 161 -19.51 9.88 16.97
C GLU A 161 -18.42 9.44 17.94
N VAL A 162 -17.57 10.37 18.37
CA VAL A 162 -16.44 9.99 19.20
C VAL A 162 -16.92 9.48 20.56
N ARG A 163 -17.84 10.20 21.18
CA ARG A 163 -18.38 9.75 22.46
C ARG A 163 -19.08 8.41 22.32
N GLU A 164 -19.77 8.19 21.19
CA GLU A 164 -20.54 6.97 21.02
C GLU A 164 -19.64 5.75 20.78
N GLN A 165 -18.58 5.91 19.99
CA GLN A 165 -17.74 4.78 19.60
C GLN A 165 -16.52 4.58 20.50
N LEU A 166 -15.80 5.65 20.82
CA LEU A 166 -14.53 5.53 21.52
C LEU A 166 -14.58 5.98 22.97
N GLY A 167 -15.23 7.11 23.24
CA GLY A 167 -15.21 7.68 24.58
C GLY A 167 -13.81 8.12 24.97
N PHE A 168 -13.67 8.60 26.19
CA PHE A 168 -12.38 9.07 26.65
C PHE A 168 -11.87 8.17 27.76
N PRO A 169 -10.54 7.98 27.90
CA PRO A 169 -9.46 8.59 27.11
C PRO A 169 -9.25 7.94 25.75
N LEU A 170 -8.70 8.70 24.80
CA LEU A 170 -8.37 8.18 23.49
C LEU A 170 -7.04 8.76 23.04
N VAL A 171 -6.49 8.18 21.99
CA VAL A 171 -5.23 8.62 21.42
C VAL A 171 -5.52 9.23 20.05
N VAL A 172 -5.01 10.44 19.83
CA VAL A 172 -4.99 11.07 18.52
C VAL A 172 -3.57 10.94 17.97
N LYS A 173 -3.45 10.40 16.77
CA LYS A 173 -2.14 10.25 16.15
C LYS A 173 -2.27 10.48 14.65
N PRO A 174 -1.23 11.00 14.01
CA PRO A 174 -1.22 10.99 12.55
C PRO A 174 -1.31 9.56 12.05
N ASN A 175 -1.95 9.38 10.90
CA ASN A 175 -2.12 8.05 10.37
C ASN A 175 -0.80 7.43 9.91
N SER A 176 0.20 8.25 9.58
CA SER A 176 1.38 7.74 8.90
C SER A 176 2.64 8.39 9.45
N GLN A 177 2.74 8.49 10.77
CA GLN A 177 3.96 8.98 11.39
C GLN A 177 4.72 7.84 12.06
N GLY A 178 5.79 8.19 12.77
CA GLY A 178 6.52 7.26 13.61
C GLY A 178 7.17 8.05 14.73
N SER A 179 7.82 7.33 15.64
CA SER A 179 8.53 7.94 16.77
C SER A 179 7.62 8.76 17.67
N THR A 180 6.31 8.47 17.64
CA THR A 180 5.31 9.16 18.44
C THR A 180 5.18 10.64 18.04
N VAL A 181 5.59 10.98 16.82
CA VAL A 181 5.44 12.35 16.34
C VAL A 181 3.96 12.66 16.15
N GLY A 182 3.53 13.81 16.66
CA GLY A 182 2.18 14.30 16.46
C GLY A 182 1.11 13.64 17.30
N LEU A 183 1.49 12.81 18.27
CA LEU A 183 0.52 12.01 19.01
C LEU A 183 0.18 12.66 20.35
N SER A 184 -1.10 12.58 20.71
CA SER A 184 -1.60 13.12 21.98
C SER A 184 -2.55 12.12 22.64
N ILE A 185 -2.54 12.10 23.96
CA ILE A 185 -3.62 11.49 24.73
C ILE A 185 -4.66 12.54 25.05
N VAL A 186 -5.91 12.23 24.73
CA VAL A 186 -7.02 13.13 24.92
C VAL A 186 -7.87 12.57 26.06
N HIS A 187 -7.93 13.31 27.16
CA HIS A 187 -8.66 12.89 28.34
C HIS A 187 -10.05 13.51 28.43
N SER A 188 -10.31 14.58 27.68
CA SER A 188 -11.58 15.28 27.75
C SER A 188 -11.88 15.94 26.41
N GLN A 189 -13.15 16.33 26.24
CA GLN A 189 -13.61 16.94 24.99
C GLN A 189 -12.78 18.16 24.61
N ALA A 190 -12.45 19.01 25.59
CA ALA A 190 -11.78 20.26 25.28
C ALA A 190 -10.39 20.04 24.69
N GLU A 191 -9.78 18.88 24.97
CA GLU A 191 -8.45 18.56 24.46
C GLU A 191 -8.48 17.98 23.05
N LEU A 192 -9.65 17.65 22.52
CA LEU A 192 -9.72 16.83 21.30
C LEU A 192 -9.37 17.63 20.06
N GLN A 193 -10.05 18.75 19.82
CA GLN A 193 -9.75 19.57 18.64
C GLN A 193 -8.29 20.00 18.58
N PRO A 194 -7.66 20.50 19.66
CA PRO A 194 -6.23 20.85 19.57
C PRO A 194 -5.36 19.65 19.24
N ALA A 195 -5.72 18.44 19.70
CA ALA A 195 -4.91 17.28 19.36
C ALA A 195 -5.04 16.94 17.88
N ILE A 196 -6.24 17.05 17.33
CA ILE A 196 -6.44 16.76 15.91
C ILE A 196 -5.70 17.79 15.05
N GLU A 197 -5.71 19.06 15.47
CA GLU A 197 -4.96 20.07 14.73
C GLU A 197 -3.46 19.78 14.78
N LEU A 198 -2.95 19.35 15.93
CA LEU A 198 -1.54 19.00 16.04
C LEU A 198 -1.19 17.85 15.11
N ALA A 199 -1.99 16.78 15.13
CA ALA A 199 -1.69 15.62 14.30
C ALA A 199 -1.76 15.97 12.82
N GLY A 200 -2.62 16.92 12.45
CA GLY A 200 -2.75 17.33 11.06
C GLY A 200 -1.58 18.13 10.53
N ARG A 201 -0.69 18.60 11.40
CA ARG A 201 0.54 19.25 10.97
C ARG A 201 1.60 18.27 10.51
N TYR A 202 1.34 16.97 10.60
CA TYR A 202 2.31 15.94 10.30
C TYR A 202 1.80 14.92 9.29
N GLY A 203 0.77 15.27 8.53
CA GLY A 203 0.23 14.37 7.53
C GLY A 203 -1.20 14.72 7.20
N ASP A 204 -1.73 14.00 6.21
CA ASP A 204 -3.06 14.29 5.67
C ASP A 204 -4.18 13.61 6.45
N GLU A 205 -3.93 12.44 7.04
CA GLU A 205 -4.95 11.64 7.70
C GLU A 205 -4.64 11.57 9.20
N VAL A 206 -5.70 11.51 10.00
CA VAL A 206 -5.56 11.56 11.46
C VAL A 206 -6.44 10.47 12.08
N MET A 207 -5.85 9.67 12.96
CA MET A 207 -6.54 8.57 13.63
C MET A 207 -6.97 8.96 15.04
N LEU A 208 -8.15 8.51 15.43
CA LEU A 208 -8.61 8.53 16.82
C LEU A 208 -8.79 7.09 17.26
N GLU A 209 -8.08 6.70 18.30
CA GLU A 209 -8.01 5.30 18.72
C GLU A 209 -8.25 5.18 20.21
N ARG A 210 -9.03 4.18 20.60
CA ARG A 210 -9.27 3.94 22.02
C ARG A 210 -7.95 3.75 22.76
N PHE A 211 -7.77 4.47 23.85
CA PHE A 211 -6.56 4.32 24.67
C PHE A 211 -6.61 2.99 25.42
N VAL A 212 -5.52 2.23 25.34
CA VAL A 212 -5.40 0.96 26.06
C VAL A 212 -4.41 1.18 27.21
N ALA A 213 -4.94 1.21 28.43
CA ALA A 213 -4.09 1.29 29.60
C ALA A 213 -3.41 -0.06 29.83
N GLY A 214 -2.17 -0.01 30.27
CA GLY A 214 -1.46 -1.24 30.57
C GLY A 214 0.02 -1.10 30.27
N ARG A 215 0.61 -2.20 29.84
CA ARG A 215 2.05 -2.30 29.67
C ARG A 215 2.43 -2.17 28.19
N GLU A 216 3.68 -1.77 27.97
CA GLU A 216 4.20 -1.45 26.64
C GLU A 216 5.13 -2.58 26.19
N VAL A 217 4.76 -3.25 25.11
CA VAL A 217 5.39 -4.50 24.69
C VAL A 217 5.68 -4.43 23.19
N THR A 218 6.86 -4.91 22.78
CA THR A 218 7.26 -4.84 21.37
C THR A 218 7.94 -6.14 20.97
N VAL A 219 7.71 -6.56 19.71
CA VAL A 219 8.21 -7.84 19.22
C VAL A 219 8.93 -7.62 17.89
N GLY A 220 10.24 -7.89 17.88
CA GLY A 220 10.97 -7.91 16.63
C GLY A 220 10.80 -9.22 15.89
N VAL A 221 10.86 -9.14 14.56
CA VAL A 221 10.87 -10.31 13.69
C VAL A 221 12.09 -10.20 12.78
N LEU A 222 12.80 -11.32 12.60
CA LEU A 222 13.94 -11.39 11.69
C LEU A 222 13.82 -12.68 10.91
N ASP A 223 13.65 -12.57 9.59
CA ASP A 223 13.63 -13.73 8.69
C ASP A 223 12.59 -14.76 9.13
N ASP A 224 11.34 -14.29 9.22
CA ASP A 224 10.17 -15.09 9.59
C ASP A 224 10.30 -15.77 10.96
N GLN A 225 11.10 -15.22 11.85
CA GLN A 225 11.19 -15.73 13.21
C GLN A 225 11.04 -14.58 14.20
N ALA A 226 10.29 -14.84 15.28
CA ALA A 226 10.10 -13.84 16.32
C ALA A 226 11.32 -13.80 17.23
N LEU A 227 11.69 -12.60 17.64
CA LEU A 227 12.76 -12.39 18.59
C LEU A 227 12.20 -12.28 20.00
N PRO A 228 13.05 -12.35 21.02
CA PRO A 228 12.55 -12.21 22.40
C PRO A 228 11.75 -10.93 22.60
N VAL A 229 10.64 -11.07 23.33
CA VAL A 229 9.74 -9.95 23.60
C VAL A 229 10.45 -8.94 24.49
N GLY A 230 10.20 -7.66 24.24
CA GLY A 230 10.68 -6.60 25.10
C GLY A 230 9.55 -5.83 25.74
N GLU A 231 9.81 -5.30 26.92
CA GLU A 231 8.89 -4.42 27.62
C GLU A 231 9.56 -3.08 27.84
N ILE A 232 8.81 -2.00 27.62
CA ILE A 232 9.25 -0.65 27.95
C ILE A 232 8.53 -0.22 29.22
N LEU A 233 9.30 0.04 30.27
CA LEU A 233 8.74 0.46 31.56
C LEU A 233 8.57 1.97 31.55
N LEU A 234 7.30 2.41 31.51
CA LEU A 234 6.99 3.83 31.34
C LEU A 234 6.85 4.57 32.67
N GLY A 235 6.88 3.86 33.79
CA GLY A 235 6.68 4.52 35.06
C GLY A 235 5.26 5.03 35.18
N GLY A 236 5.11 6.34 35.31
CA GLY A 236 3.82 6.97 35.35
C GLY A 236 3.32 7.53 34.04
N GLN A 237 4.12 7.41 32.97
CA GLN A 237 3.74 7.96 31.68
C GLN A 237 2.71 7.07 31.00
N GLU A 238 1.74 7.70 30.36
CA GLU A 238 0.70 6.93 29.68
C GLU A 238 1.15 6.45 28.32
N VAL A 239 2.11 7.15 27.70
CA VAL A 239 2.61 6.77 26.37
C VAL A 239 4.13 6.93 26.30
N PHE A 240 4.67 6.29 25.27
CA PHE A 240 6.10 6.21 25.01
C PHE A 240 6.40 7.29 23.96
N ASP A 241 6.93 8.43 24.39
CA ASP A 241 7.02 9.58 23.50
C ASP A 241 8.42 9.74 22.91
N TYR A 242 8.56 10.75 22.05
CA TYR A 242 9.79 10.98 21.29
C TYR A 242 10.99 11.21 22.19
N GLU A 243 10.81 11.98 23.28
CA GLU A 243 11.94 12.23 24.17
C GLU A 243 12.40 10.94 24.84
N HIS A 244 11.46 10.12 25.31
CA HIS A 244 11.84 8.92 26.03
C HIS A 244 12.29 7.80 25.11
N LYS A 245 11.97 7.87 23.82
CA LYS A 245 12.41 6.84 22.89
C LYS A 245 13.90 6.97 22.55
N TYR A 246 14.46 8.17 22.58
CA TYR A 246 15.81 8.38 22.06
C TYR A 246 16.77 9.14 22.97
N GLN A 247 16.33 9.67 24.11
CA GLN A 247 17.29 10.20 25.06
C GLN A 247 17.80 9.07 25.93
N ALA A 248 19.13 8.88 25.95
CA ALA A 248 19.72 7.72 26.58
C ALA A 248 19.36 7.67 28.06
N GLY A 249 18.97 6.48 28.52
CA GLY A 249 18.61 6.26 29.91
C GLY A 249 17.29 6.86 30.35
N ALA A 250 16.46 7.32 29.41
CA ALA A 250 15.20 7.96 29.80
C ALA A 250 14.19 6.96 30.33
N VAL A 251 14.18 5.74 29.80
CA VAL A 251 13.26 4.70 30.24
C VAL A 251 14.02 3.38 30.28
N ARG A 252 13.55 2.46 31.11
CA ARG A 252 14.18 1.15 31.22
C ARG A 252 13.47 0.17 30.29
N GLU A 253 14.26 -0.59 29.53
CA GLU A 253 13.75 -1.50 28.51
C GLU A 253 14.30 -2.89 28.79
N VAL A 254 13.41 -3.88 28.88
CA VAL A 254 13.73 -5.20 29.41
C VAL A 254 13.58 -6.23 28.31
N PHE A 255 14.68 -6.88 27.94
CA PHE A 255 14.71 -7.97 26.97
C PHE A 255 15.44 -9.15 27.60
N PRO A 256 14.82 -10.33 27.70
CA PRO A 256 13.42 -10.66 27.42
C PRO A 256 12.51 -10.08 28.50
N ALA A 257 11.30 -9.67 28.12
CA ALA A 257 10.40 -9.02 29.05
C ALA A 257 10.00 -9.98 30.18
N ASP A 258 9.71 -9.42 31.34
N ASP A 258 9.71 -9.42 31.35
CA ASP A 258 9.27 -10.20 32.49
CA ASP A 258 9.27 -10.19 32.50
C ASP A 258 7.75 -10.40 32.41
C ASP A 258 7.76 -10.40 32.41
N LEU A 259 7.37 -11.27 31.47
CA LEU A 259 5.98 -11.59 31.21
C LEU A 259 5.69 -13.04 31.56
N PRO A 260 4.45 -13.37 31.90
CA PRO A 260 4.03 -14.77 31.90
C PRO A 260 4.34 -15.40 30.55
N PRO A 261 4.89 -16.61 30.54
CA PRO A 261 5.36 -17.19 29.27
C PRO A 261 4.26 -17.27 28.20
N ALA A 262 3.02 -17.57 28.61
CA ALA A 262 1.94 -17.66 27.63
C ALA A 262 1.66 -16.34 26.96
N ILE A 263 1.86 -15.22 27.68
CA ILE A 263 1.60 -13.91 27.08
C ILE A 263 2.71 -13.54 26.12
N ALA A 264 3.98 -13.78 26.50
CA ALA A 264 5.09 -13.52 25.59
C ALA A 264 4.98 -14.37 24.33
N ALA A 265 4.62 -15.64 24.47
CA ALA A 265 4.47 -16.50 23.30
C ALA A 265 3.31 -16.04 22.41
N GLU A 266 2.25 -15.50 23.01
CA GLU A 266 1.14 -14.99 22.18
C GLU A 266 1.54 -13.73 21.44
N ALA A 267 2.28 -12.82 22.10
CA ALA A 267 2.78 -11.64 21.40
C ALA A 267 3.65 -12.03 20.20
N GLN A 268 4.46 -13.07 20.35
CA GLN A 268 5.30 -13.51 19.24
C GLN A 268 4.47 -14.14 18.13
N ARG A 269 3.47 -14.94 18.49
CA ARG A 269 2.58 -15.51 17.48
C ARG A 269 1.87 -14.42 16.70
N LEU A 270 1.35 -13.41 17.41
CA LEU A 270 0.62 -12.34 16.75
C LEU A 270 1.53 -11.51 15.86
N ALA A 271 2.74 -11.20 16.33
CA ALA A 271 3.68 -10.42 15.52
C ALA A 271 4.02 -11.13 14.22
N LEU A 272 4.19 -12.46 14.27
CA LEU A 272 4.44 -13.19 13.03
C LEU A 272 3.23 -13.17 12.11
N LYS A 273 2.02 -13.27 12.68
CA LYS A 273 0.82 -13.15 11.86
C LYS A 273 0.77 -11.79 11.18
N VAL A 274 1.13 -10.72 11.91
CA VAL A 274 1.14 -9.37 11.33
C VAL A 274 2.16 -9.29 10.21
N HIS A 275 3.38 -9.76 10.48
CA HIS A 275 4.46 -9.70 9.51
C HIS A 275 4.07 -10.41 8.21
N ARG A 276 3.45 -11.59 8.33
CA ARG A 276 3.04 -12.32 7.14
C ARG A 276 1.82 -11.69 6.48
N ALA A 277 0.87 -11.17 7.27
CA ALA A 277 -0.36 -10.62 6.70
C ALA A 277 -0.06 -9.44 5.80
N LEU A 278 0.86 -8.56 6.20
CA LEU A 278 1.21 -7.40 5.40
C LEU A 278 2.31 -7.68 4.38
N LYS A 279 2.70 -8.95 4.23
CA LYS A 279 3.68 -9.38 3.23
C LYS A 279 5.02 -8.67 3.41
N LEU A 280 5.42 -8.49 4.67
CA LEU A 280 6.70 -7.87 4.98
C LEU A 280 7.86 -8.82 4.63
N SER A 281 9.06 -8.25 4.55
N SER A 281 9.07 -8.26 4.58
CA SER A 281 10.26 -9.00 4.22
CA SER A 281 10.25 -9.05 4.25
C SER A 281 11.42 -8.56 5.11
C SER A 281 11.44 -8.56 5.07
N GLY A 282 12.32 -9.50 5.39
CA GLY A 282 13.55 -9.19 6.08
C GLY A 282 13.43 -9.09 7.58
N TYR A 283 12.73 -8.07 8.06
CA TYR A 283 12.62 -7.82 9.48
C TYR A 283 11.54 -6.78 9.70
N SER A 284 11.07 -6.70 10.95
CA SER A 284 10.03 -5.76 11.34
C SER A 284 10.00 -5.66 12.86
N ARG A 285 9.19 -4.73 13.37
CA ARG A 285 9.02 -4.63 14.81
C ARG A 285 7.60 -4.17 15.08
N THR A 286 6.86 -4.95 15.86
CA THR A 286 5.44 -4.73 16.10
C THR A 286 5.22 -4.31 17.55
N ASP A 287 4.35 -3.30 17.75
CA ASP A 287 4.08 -2.72 19.05
C ASP A 287 2.71 -3.14 19.56
N PHE A 288 2.64 -3.50 20.85
CA PHE A 288 1.41 -3.90 21.50
C PHE A 288 1.23 -3.15 22.81
N ARG A 289 -0.03 -3.01 23.22
CA ARG A 289 -0.39 -2.65 24.59
C ARG A 289 -1.02 -3.87 25.25
N LEU A 290 -0.61 -4.15 26.49
CA LEU A 290 -1.06 -5.32 27.22
C LEU A 290 -1.91 -4.84 28.39
N ASP A 291 -3.21 -5.13 28.34
CA ASP A 291 -4.09 -4.59 29.37
C ASP A 291 -4.05 -5.45 30.63
N GLU A 292 -4.73 -4.97 31.68
CA GLU A 292 -4.67 -5.61 32.98
C GLU A 292 -5.39 -6.96 33.03
N GLN A 293 -6.12 -7.32 31.97
CA GLN A 293 -6.72 -8.64 31.87
C GLN A 293 -5.89 -9.61 31.05
N GLY A 294 -4.69 -9.20 30.61
CA GLY A 294 -3.82 -10.08 29.86
C GLY A 294 -4.08 -10.14 28.37
N ARG A 295 -4.86 -9.21 27.83
CA ARG A 295 -5.15 -9.16 26.41
C ARG A 295 -4.17 -8.23 25.70
N LEU A 296 -3.69 -8.68 24.53
CA LEU A 296 -2.74 -7.92 23.73
C LEU A 296 -3.48 -7.16 22.62
N TRP A 297 -3.16 -5.87 22.49
CA TRP A 297 -3.77 -5.00 21.49
C TRP A 297 -2.66 -4.46 20.58
N CYS A 298 -2.76 -4.75 19.29
CA CYS A 298 -1.69 -4.40 18.36
C CYS A 298 -1.90 -2.98 17.86
N LEU A 299 -0.87 -2.14 18.03
CA LEU A 299 -0.90 -0.74 17.61
C LEU A 299 -0.47 -0.56 16.16
N GLU A 300 0.69 -1.09 15.80
CA GLU A 300 1.27 -0.88 14.48
C GLU A 300 2.40 -1.87 14.28
N VAL A 301 2.84 -2.00 13.03
CA VAL A 301 4.10 -2.64 12.72
C VAL A 301 4.98 -1.65 11.96
N ASN A 302 6.28 -1.72 12.20
CA ASN A 302 7.26 -0.83 11.60
C ASN A 302 8.18 -1.67 10.71
N THR A 303 8.29 -1.30 9.43
CA THR A 303 9.12 -2.07 8.50
C THR A 303 10.59 -1.65 8.51
N LEU A 304 10.89 -0.41 8.91
CA LEU A 304 12.25 0.06 9.04
C LEU A 304 12.48 0.51 10.49
N PRO A 305 12.48 -0.41 11.44
CA PRO A 305 12.60 -0.03 12.84
C PRO A 305 13.97 0.56 13.15
N GLY A 306 14.04 1.24 14.29
CA GLY A 306 15.25 1.96 14.63
C GLY A 306 16.43 1.03 14.85
N MET A 307 17.60 1.50 14.44
CA MET A 307 18.85 0.80 14.71
C MET A 307 19.84 1.69 15.46
N THR A 308 19.33 2.69 16.20
CA THR A 308 20.17 3.58 16.99
C THR A 308 20.66 2.85 18.25
N ALA A 309 21.50 3.55 19.02
CA ALA A 309 22.08 2.95 20.22
C ALA A 309 21.06 2.74 21.33
N THR A 310 19.88 3.37 21.25
CA THR A 310 18.82 3.19 22.22
C THR A 310 17.67 2.34 21.67
N SER A 311 17.83 1.75 20.48
CA SER A 311 16.71 1.18 19.74
C SER A 311 16.36 -0.22 20.24
N LEU A 312 15.13 -0.62 19.94
CA LEU A 312 14.50 -1.82 20.48
C LEU A 312 14.84 -3.08 19.70
N LEU A 313 14.77 -3.02 18.36
CA LEU A 313 15.10 -4.18 17.55
C LEU A 313 16.50 -4.73 17.83
N PRO A 314 17.57 -3.92 17.87
CA PRO A 314 18.89 -4.48 18.21
C PRO A 314 18.90 -5.17 19.57
N GLN A 315 18.14 -4.68 20.55
CA GLN A 315 18.13 -5.32 21.86
C GLN A 315 17.45 -6.69 21.80
N ALA A 316 16.36 -6.80 21.05
CA ALA A 316 15.74 -8.10 20.86
C ALA A 316 16.69 -9.06 20.15
N ALA A 317 17.37 -8.58 19.10
CA ALA A 317 18.35 -9.41 18.40
C ALA A 317 19.44 -9.88 19.35
N ALA A 318 19.94 -8.98 20.21
CA ALA A 318 21.00 -9.36 21.14
C ALA A 318 20.51 -10.42 22.13
N ALA A 319 19.25 -10.31 22.57
CA ALA A 319 18.70 -11.29 23.49
C ALA A 319 18.58 -12.67 22.86
N ALA A 320 18.47 -12.75 21.54
CA ALA A 320 18.48 -14.01 20.81
C ALA A 320 19.89 -14.46 20.46
N GLY A 321 20.91 -13.77 20.93
CA GLY A 321 22.28 -14.13 20.65
C GLY A 321 22.82 -13.60 19.34
N ILE A 322 22.22 -12.57 18.78
CA ILE A 322 22.62 -12.01 17.49
C ILE A 322 23.21 -10.63 17.74
N GLY A 323 24.52 -10.49 17.55
CA GLY A 323 25.17 -9.21 17.72
C GLY A 323 24.77 -8.23 16.64
N PHE A 324 25.07 -6.94 16.88
CA PHE A 324 24.57 -5.90 16.01
C PHE A 324 25.18 -5.98 14.61
N ALA A 325 26.49 -6.21 14.51
CA ALA A 325 27.11 -6.31 13.20
C ALA A 325 26.53 -7.47 12.41
N GLU A 326 26.32 -8.61 13.08
CA GLU A 326 25.72 -9.77 12.41
C GLU A 326 24.30 -9.47 11.96
N LEU A 327 23.53 -8.78 12.80
CA LEU A 327 22.17 -8.39 12.45
C LEU A 327 22.16 -7.54 11.19
N CYS A 328 23.04 -6.55 11.13
CA CYS A 328 23.14 -5.71 9.94
C CYS A 328 23.51 -6.52 8.71
N GLU A 329 24.47 -7.44 8.85
CA GLU A 329 24.88 -8.26 7.72
C GLU A 329 23.76 -9.17 7.27
N ARG A 330 23.00 -9.74 8.22
CA ARG A 330 21.92 -10.65 7.86
C ARG A 330 20.79 -9.92 7.16
N ILE A 331 20.50 -8.69 7.59
CA ILE A 331 19.51 -7.87 6.91
C ILE A 331 19.95 -7.58 5.48
N CYS A 332 21.24 -7.31 5.29
CA CYS A 332 21.77 -7.10 3.94
C CYS A 332 21.54 -8.32 3.05
N ARG A 333 21.88 -9.50 3.55
CA ARG A 333 21.82 -10.69 2.72
C ARG A 333 20.37 -11.08 2.43
N LEU A 334 19.46 -10.85 3.39
CA LEU A 334 18.04 -11.07 3.10
C LEU A 334 17.56 -10.15 1.98
N GLY A 335 18.04 -8.92 1.95
CA GLY A 335 17.67 -8.02 0.87
C GLY A 335 18.18 -8.50 -0.48
N ILE A 336 19.44 -8.93 -0.52
CA ILE A 336 20.03 -9.40 -1.77
C ILE A 336 19.26 -10.61 -2.29
N GLU A 337 18.93 -11.55 -1.41
CA GLU A 337 18.21 -12.76 -1.81
C GLU A 337 16.82 -12.43 -2.33
N ARG A 338 16.13 -11.47 -1.69
CA ARG A 338 14.78 -11.12 -2.15
C ARG A 338 14.82 -10.47 -3.52
N CYS A 339 15.72 -9.50 -3.71
CA CYS A 339 15.75 -8.69 -4.93
C CYS A 339 16.56 -9.35 -6.04
N ASP B 5 -9.35 27.17 -18.22
CA ASP B 5 -8.85 27.21 -19.58
C ASP B 5 -8.26 25.86 -19.98
N LYS B 6 -7.56 25.83 -21.12
CA LYS B 6 -7.07 24.58 -21.67
C LYS B 6 -5.78 24.12 -21.01
N LEU B 7 -5.58 22.81 -21.05
CA LEU B 7 -4.47 22.14 -20.37
C LEU B 7 -3.42 21.69 -21.37
N LYS B 8 -2.24 21.43 -20.85
CA LYS B 8 -1.19 20.72 -21.57
C LYS B 8 -1.08 19.34 -20.91
N VAL B 9 -1.49 18.30 -21.63
CA VAL B 9 -1.58 16.95 -21.10
C VAL B 9 -0.60 16.06 -21.82
N ALA B 10 0.16 15.26 -21.06
CA ALA B 10 0.99 14.21 -21.61
C ALA B 10 0.31 12.87 -21.36
N VAL B 11 -0.10 12.20 -22.42
CA VAL B 11 -0.80 10.92 -22.32
C VAL B 11 0.26 9.80 -22.35
N LEU B 12 0.45 9.14 -21.21
CA LEU B 12 1.38 8.02 -21.09
C LEU B 12 0.63 6.73 -21.40
N PHE B 13 1.16 5.94 -22.33
CA PHE B 13 0.49 4.71 -22.74
C PHE B 13 1.52 3.69 -23.16
N GLY B 14 1.03 2.48 -23.44
CA GLY B 14 1.86 1.40 -23.91
C GLY B 14 2.43 0.54 -22.81
N GLY B 15 3.62 0.89 -22.32
CA GLY B 15 4.21 0.14 -21.24
C GLY B 15 4.71 -1.21 -21.69
N SER B 16 4.94 -2.09 -20.71
CA SER B 16 5.48 -3.42 -20.98
C SER B 16 4.71 -4.51 -20.25
N SER B 17 3.45 -4.28 -19.91
CA SER B 17 2.64 -5.32 -19.30
C SER B 17 1.92 -6.12 -20.38
N GLU B 18 1.30 -7.22 -19.95
CA GLU B 18 0.52 -8.06 -20.84
C GLU B 18 -0.70 -7.33 -21.41
N GLU B 19 -1.02 -6.15 -20.89
CA GLU B 19 -2.14 -5.34 -21.35
C GLU B 19 -1.67 -4.16 -22.22
N ARG B 20 -0.49 -4.29 -22.83
CA ARG B 20 0.05 -3.21 -23.65
C ARG B 20 -0.87 -2.87 -24.82
N ASP B 21 -1.38 -3.88 -25.52
CA ASP B 21 -2.23 -3.61 -26.67
C ASP B 21 -3.50 -2.88 -26.25
N VAL B 22 -4.08 -3.27 -25.13
CA VAL B 22 -5.23 -2.55 -24.59
C VAL B 22 -4.85 -1.11 -24.26
N SER B 23 -3.65 -0.91 -23.73
CA SER B 23 -3.22 0.43 -23.35
C SER B 23 -3.02 1.32 -24.58
N ILE B 24 -2.47 0.76 -25.66
CA ILE B 24 -2.32 1.54 -26.89
C ILE B 24 -3.69 2.00 -27.39
N ALA B 25 -4.67 1.11 -27.35
CA ALA B 25 -6.02 1.47 -27.78
C ALA B 25 -6.60 2.56 -26.89
N SER B 26 -6.41 2.45 -25.58
CA SER B 26 -6.89 3.48 -24.66
C SER B 26 -6.20 4.81 -24.95
N GLY B 27 -4.87 4.79 -25.06
CA GLY B 27 -4.13 6.03 -25.30
C GLY B 27 -4.59 6.74 -26.56
N ALA B 28 -4.81 5.98 -27.64
CA ALA B 28 -5.23 6.58 -28.90
C ALA B 28 -6.57 7.31 -28.75
N GLN B 29 -7.52 6.70 -28.04
CA GLN B 29 -8.82 7.31 -27.79
C GLN B 29 -8.69 8.59 -26.96
N VAL B 30 -7.91 8.53 -25.88
CA VAL B 30 -7.80 9.68 -24.98
C VAL B 30 -7.11 10.85 -25.68
N ILE B 31 -6.06 10.57 -26.45
CA ILE B 31 -5.35 11.62 -27.16
C ILE B 31 -6.30 12.36 -28.10
N GLN B 32 -7.04 11.62 -28.92
CA GLN B 32 -7.99 12.25 -29.83
C GLN B 32 -9.05 13.06 -29.07
N ALA B 33 -9.57 12.50 -27.98
CA ALA B 33 -10.66 13.14 -27.26
C ALA B 33 -10.20 14.46 -26.63
N LEU B 34 -9.04 14.46 -25.98
CA LEU B 34 -8.55 15.69 -25.36
C LEU B 34 -8.21 16.75 -26.42
N ARG B 35 -7.66 16.32 -27.55
CA ARG B 35 -7.43 17.27 -28.64
C ARG B 35 -8.74 17.84 -29.15
N SER B 36 -9.80 17.02 -29.19
CA SER B 36 -11.10 17.52 -29.62
C SER B 36 -11.60 18.64 -28.71
N ALA B 37 -11.28 18.57 -27.42
CA ALA B 37 -11.66 19.60 -26.47
C ALA B 37 -10.70 20.79 -26.48
N GLY B 38 -9.68 20.79 -27.34
CA GLY B 38 -8.80 21.93 -27.49
C GLY B 38 -7.58 21.93 -26.60
N HIS B 39 -7.31 20.85 -25.87
CA HIS B 39 -6.13 20.76 -25.04
C HIS B 39 -4.93 20.37 -25.88
N GLN B 40 -3.74 20.80 -25.45
CA GLN B 40 -2.50 20.39 -26.10
C GLN B 40 -2.08 19.05 -25.51
N VAL B 41 -1.91 18.06 -26.38
CA VAL B 41 -1.66 16.68 -25.96
C VAL B 41 -0.33 16.21 -26.50
N LEU B 42 0.51 15.66 -25.62
CA LEU B 42 1.76 15.01 -25.99
C LEU B 42 1.59 13.50 -25.79
N ALA B 43 1.84 12.73 -26.83
CA ALA B 43 1.68 11.28 -26.77
C ALA B 43 3.03 10.64 -26.43
N VAL B 44 3.07 9.87 -25.35
CA VAL B 44 4.30 9.23 -24.89
C VAL B 44 4.05 7.73 -24.74
N ASP B 45 4.71 6.94 -25.57
CA ASP B 45 4.79 5.49 -25.36
C ASP B 45 5.92 5.25 -24.38
N THR B 46 5.58 4.78 -23.17
CA THR B 46 6.58 4.63 -22.12
C THR B 46 7.59 3.53 -22.42
N ALA B 47 7.38 2.74 -23.46
CA ALA B 47 8.37 1.77 -23.90
C ALA B 47 9.32 2.33 -24.95
N SER B 48 9.03 3.51 -25.50
CA SER B 48 9.91 4.12 -26.50
C SER B 48 10.15 5.59 -26.21
N GLY B 49 9.12 6.42 -26.27
CA GLY B 49 9.28 7.82 -25.92
C GLY B 49 8.23 8.67 -26.60
N LEU B 50 8.58 9.95 -26.73
CA LEU B 50 7.68 10.93 -27.32
C LEU B 50 7.49 10.64 -28.81
N LEU B 51 6.24 10.46 -29.23
CA LEU B 51 5.96 10.09 -30.61
C LEU B 51 6.09 11.28 -31.55
N GLY B 52 6.73 11.05 -32.70
CA GLY B 52 6.81 12.04 -33.74
C GLY B 52 5.57 12.05 -34.61
N ALA B 53 5.62 12.88 -35.65
CA ALA B 53 4.45 13.09 -36.51
C ALA B 53 3.99 11.78 -37.14
N GLU B 54 4.93 11.00 -37.69
CA GLU B 54 4.55 9.76 -38.36
C GLU B 54 4.09 8.70 -37.37
N GLU B 55 4.79 8.56 -36.24
CA GLU B 55 4.45 7.53 -35.28
C GLU B 55 3.07 7.74 -34.69
N GLU B 56 2.67 9.00 -34.49
CA GLU B 56 1.31 9.27 -34.03
C GLU B 56 0.29 8.89 -35.10
N ARG B 57 0.60 9.15 -36.36
CA ARG B 57 -0.30 8.81 -37.46
C ARG B 57 -0.59 7.31 -37.51
N GLY B 88 11.75 17.96 -22.05
CA GLY B 88 11.89 19.02 -23.04
C GLY B 88 10.55 19.60 -23.45
N GLU B 89 9.88 18.92 -24.39
CA GLU B 89 8.51 19.29 -24.71
C GLU B 89 7.57 19.06 -23.54
N LEU B 90 7.94 18.17 -22.62
CA LEU B 90 7.15 17.89 -21.43
C LEU B 90 7.24 19.01 -20.39
N ALA B 91 8.03 20.05 -20.64
CA ALA B 91 8.09 21.17 -19.72
C ALA B 91 6.77 21.94 -19.77
N GLY B 92 6.22 22.24 -18.59
CA GLY B 92 4.95 22.93 -18.52
C GLY B 92 3.73 22.05 -18.59
N VAL B 93 3.90 20.72 -18.55
CA VAL B 93 2.75 19.83 -18.61
C VAL B 93 1.95 19.95 -17.32
N ASP B 94 0.64 20.14 -17.45
CA ASP B 94 -0.23 20.28 -16.28
C ASP B 94 -0.46 18.94 -15.59
N VAL B 95 -0.62 17.87 -16.36
CA VAL B 95 -0.96 16.57 -15.77
C VAL B 95 -0.56 15.48 -16.76
N PHE B 96 -0.11 14.36 -16.21
CA PHE B 96 0.13 13.14 -16.98
C PHE B 96 -1.13 12.28 -16.92
N PHE B 97 -1.76 12.07 -18.07
CA PHE B 97 -2.88 11.14 -18.15
C PHE B 97 -2.32 9.73 -18.29
N LEU B 98 -2.60 8.88 -17.31
CA LEU B 98 -2.07 7.51 -17.31
C LEU B 98 -3.05 6.61 -18.07
N ALA B 99 -2.79 6.43 -19.37
CA ALA B 99 -3.54 5.51 -20.21
C ALA B 99 -2.90 4.13 -20.24
N LEU B 100 -2.20 3.78 -19.17
CA LEU B 100 -1.54 2.50 -19.02
C LEU B 100 -2.47 1.53 -18.30
N HIS B 101 -2.23 0.23 -18.51
CA HIS B 101 -2.96 -0.83 -17.82
C HIS B 101 -1.99 -1.90 -17.37
N GLY B 102 -2.13 -2.32 -16.12
CA GLY B 102 -1.36 -3.43 -15.60
C GLY B 102 0.08 -3.05 -15.27
N GLY B 103 0.75 -3.99 -14.60
CA GLY B 103 2.17 -3.89 -14.34
C GLY B 103 2.54 -2.68 -13.52
N THR B 104 3.71 -2.11 -13.83
CA THR B 104 4.22 -0.97 -13.08
C THR B 104 3.42 0.31 -13.33
N GLY B 105 2.67 0.37 -14.44
CA GLY B 105 1.88 1.55 -14.70
C GLY B 105 0.64 1.65 -13.85
N GLU B 106 0.12 0.53 -13.35
CA GLU B 106 -1.09 0.51 -12.57
C GLU B 106 -0.90 0.07 -11.12
N ASP B 107 0.21 -0.59 -10.78
CA ASP B 107 0.37 -1.18 -9.45
C ASP B 107 1.02 -0.25 -8.44
N GLY B 108 1.13 1.04 -8.73
CA GLY B 108 1.72 1.99 -7.80
C GLY B 108 3.13 2.38 -8.11
N THR B 109 3.86 1.59 -8.91
CA THR B 109 5.26 1.88 -9.18
C THR B 109 5.40 3.23 -9.89
N LEU B 110 4.73 3.38 -11.04
CA LEU B 110 4.80 4.64 -11.78
C LEU B 110 4.26 5.79 -10.94
N GLN B 111 3.19 5.54 -10.18
CA GLN B 111 2.62 6.59 -9.33
C GLN B 111 3.66 7.12 -8.35
N ALA B 112 4.49 6.23 -7.80
CA ALA B 112 5.52 6.66 -6.85
C ALA B 112 6.64 7.41 -7.57
N LEU B 113 7.00 6.96 -8.77
CA LEU B 113 7.98 7.67 -9.58
C LEU B 113 7.53 9.11 -9.83
N LEU B 114 6.26 9.29 -10.19
CA LEU B 114 5.74 10.61 -10.46
C LEU B 114 5.60 11.43 -9.18
N ASP B 115 5.19 10.79 -8.08
CA ASP B 115 5.20 11.43 -6.77
C ASP B 115 6.57 12.04 -6.48
N ALA B 116 7.63 11.25 -6.65
CA ALA B 116 8.97 11.69 -6.29
C ALA B 116 9.46 12.81 -7.20
N GLY B 117 8.95 12.88 -8.42
CA GLY B 117 9.25 13.98 -9.31
C GLY B 117 8.35 15.19 -9.15
N GLY B 118 7.36 15.11 -8.27
CA GLY B 118 6.44 16.21 -8.08
C GLY B 118 5.49 16.44 -9.23
N PHE B 119 5.17 15.40 -9.98
CA PHE B 119 4.34 15.51 -11.17
C PHE B 119 2.90 15.13 -10.84
N ALA B 120 1.95 15.86 -11.42
CA ALA B 120 0.54 15.53 -11.27
C ALA B 120 0.14 14.46 -12.28
N TYR B 121 -0.75 13.56 -11.86
CA TYR B 121 -1.18 12.48 -12.73
C TYR B 121 -2.61 12.11 -12.39
N THR B 122 -3.23 11.36 -13.30
CA THR B 122 -4.61 10.91 -13.16
C THR B 122 -4.69 9.56 -12.46
N GLY B 123 -5.89 9.26 -11.96
CA GLY B 123 -6.10 8.00 -11.27
C GLY B 123 -5.69 8.06 -9.81
N SER B 124 -5.51 6.88 -9.23
CA SER B 124 -5.26 6.75 -7.80
C SER B 124 -3.77 6.86 -7.48
N GLY B 125 -3.49 7.11 -6.19
CA GLY B 125 -2.13 7.25 -5.73
C GLY B 125 -1.40 5.93 -5.56
N HIS B 126 -0.21 6.01 -4.96
CA HIS B 126 0.68 4.85 -4.88
C HIS B 126 0.06 3.71 -4.06
N LEU B 127 -0.33 4.01 -2.81
CA LEU B 127 -0.89 2.95 -1.97
C LEU B 127 -2.18 2.41 -2.56
N ALA B 128 -3.10 3.29 -2.94
CA ALA B 128 -4.39 2.84 -3.48
C ALA B 128 -4.20 1.98 -4.72
N SER B 129 -3.29 2.38 -5.62
CA SER B 129 -3.08 1.60 -6.84
C SER B 129 -2.46 0.24 -6.52
N ALA B 130 -1.51 0.20 -5.58
CA ALA B 130 -0.87 -1.06 -5.22
C ALA B 130 -1.86 -2.02 -4.58
N MET B 131 -2.77 -1.49 -3.74
CA MET B 131 -3.76 -2.32 -3.06
C MET B 131 -4.76 -2.91 -4.04
N ALA B 132 -5.27 -2.11 -4.97
CA ALA B 132 -6.28 -2.59 -5.91
C ALA B 132 -5.71 -3.61 -6.88
N MET B 133 -4.40 -3.56 -7.14
CA MET B 133 -3.82 -4.54 -8.05
C MET B 133 -3.58 -5.88 -7.36
N ASP B 134 -3.34 -5.88 -6.06
CA ASP B 134 -3.18 -7.10 -5.27
C ASP B 134 -4.58 -7.61 -4.94
N LYS B 135 -5.09 -8.54 -5.74
CA LYS B 135 -6.48 -8.97 -5.59
C LYS B 135 -6.73 -9.59 -4.22
N ASP B 136 -5.75 -10.31 -3.69
CA ASP B 136 -5.80 -10.89 -2.35
C ASP B 136 -6.02 -9.81 -1.29
N VAL B 137 -5.11 -8.82 -1.23
CA VAL B 137 -5.23 -7.74 -0.25
C VAL B 137 -6.55 -7.00 -0.44
N ALA B 138 -6.92 -6.71 -1.69
CA ALA B 138 -8.15 -5.96 -1.95
C ALA B 138 -9.38 -6.70 -1.40
N LYS B 139 -9.42 -8.03 -1.55
CA LYS B 139 -10.57 -8.79 -1.08
C LYS B 139 -10.64 -8.82 0.45
N ARG B 140 -9.50 -8.78 1.13
CA ARG B 140 -9.52 -8.64 2.59
C ARG B 140 -10.16 -7.32 2.99
N LEU B 141 -9.84 -6.26 2.25
CA LEU B 141 -10.41 -4.95 2.53
C LEU B 141 -11.88 -4.87 2.12
N PHE B 142 -12.27 -5.56 1.05
CA PHE B 142 -13.69 -5.68 0.74
C PHE B 142 -14.46 -6.20 1.94
N LEU B 143 -13.96 -7.31 2.52
CA LEU B 143 -14.63 -7.92 3.67
C LEU B 143 -14.65 -6.98 4.87
N ALA B 144 -13.55 -6.27 5.10
CA ALA B 144 -13.50 -5.31 6.20
C ALA B 144 -14.52 -4.19 6.00
N ALA B 145 -14.85 -3.87 4.76
CA ALA B 145 -15.81 -2.81 4.43
C ALA B 145 -17.24 -3.31 4.34
N GLY B 146 -17.49 -4.59 4.58
CA GLY B 146 -18.82 -5.12 4.45
C GLY B 146 -19.24 -5.42 3.02
N VAL B 147 -18.28 -5.68 2.14
CA VAL B 147 -18.54 -5.97 0.74
C VAL B 147 -18.32 -7.47 0.51
N GLU B 148 -19.37 -8.17 0.10
CA GLU B 148 -19.31 -9.61 -0.08
C GLU B 148 -18.30 -9.98 -1.16
N THR B 149 -17.54 -11.03 -0.91
CA THR B 149 -16.53 -11.50 -1.85
C THR B 149 -16.36 -13.00 -1.65
N ALA B 150 -15.99 -13.69 -2.73
CA ALA B 150 -15.93 -15.15 -2.71
C ALA B 150 -14.73 -15.65 -1.91
N SER B 151 -14.91 -16.82 -1.30
CA SER B 151 -13.82 -17.43 -0.55
C SER B 151 -12.63 -17.71 -1.46
N TRP B 152 -11.43 -17.66 -0.90
CA TRP B 152 -10.25 -17.88 -1.71
C TRP B 152 -9.09 -18.40 -0.89
N LEU B 153 -8.13 -19.00 -1.62
CA LEU B 153 -6.86 -19.45 -1.09
C LEU B 153 -5.77 -19.03 -2.06
N MET B 154 -4.58 -18.78 -1.52
CA MET B 154 -3.42 -18.48 -2.34
C MET B 154 -2.58 -19.73 -2.54
N ALA B 155 -2.13 -19.96 -3.77
CA ALA B 155 -1.32 -21.13 -4.07
C ALA B 155 -0.01 -21.07 -3.30
N PRO B 156 0.53 -22.22 -2.88
CA PRO B 156 0.02 -23.58 -3.07
C PRO B 156 -1.10 -23.95 -2.11
N ALA B 157 -2.04 -24.77 -2.57
CA ALA B 157 -3.10 -25.31 -1.72
C ALA B 157 -3.19 -26.81 -1.93
N SER B 158 -3.34 -27.55 -0.83
CA SER B 158 -3.45 -29.00 -0.91
C SER B 158 -4.79 -29.41 -1.50
N GLU B 159 -4.85 -30.68 -1.91
CA GLU B 159 -6.12 -31.23 -2.38
C GLU B 159 -7.19 -31.16 -1.30
N GLU B 160 -6.79 -31.28 -0.03
CA GLU B 160 -7.74 -31.24 1.06
C GLU B 160 -8.29 -29.83 1.27
N GLU B 161 -7.40 -28.82 1.31
CA GLU B 161 -7.85 -27.45 1.48
C GLU B 161 -8.79 -27.03 0.36
N VAL B 162 -8.45 -27.38 -0.89
CA VAL B 162 -9.28 -27.01 -2.02
C VAL B 162 -10.65 -27.68 -1.93
N ARG B 163 -10.66 -28.98 -1.62
CA ARG B 163 -11.91 -29.72 -1.58
C ARG B 163 -12.80 -29.26 -0.41
N GLU B 164 -12.20 -28.87 0.71
CA GLU B 164 -12.99 -28.50 1.88
C GLU B 164 -13.50 -27.06 1.79
N GLN B 165 -12.67 -26.14 1.31
CA GLN B 165 -13.00 -24.73 1.39
C GLN B 165 -13.52 -24.12 0.10
N LEU B 166 -13.18 -24.69 -1.07
CA LEU B 166 -13.56 -24.08 -2.33
C LEU B 166 -14.54 -24.92 -3.14
N GLY B 167 -14.27 -26.21 -3.32
CA GLY B 167 -15.09 -27.02 -4.20
C GLY B 167 -14.83 -26.70 -5.67
N PHE B 168 -15.59 -27.37 -6.53
CA PHE B 168 -15.41 -27.25 -7.96
C PHE B 168 -16.72 -26.87 -8.65
N PRO B 169 -16.63 -26.13 -9.76
CA PRO B 169 -15.43 -25.58 -10.39
C PRO B 169 -14.89 -24.40 -9.59
N LEU B 170 -13.63 -24.03 -9.82
CA LEU B 170 -13.04 -22.87 -9.15
C LEU B 170 -12.26 -22.07 -10.17
N VAL B 171 -11.87 -20.87 -9.77
CA VAL B 171 -11.14 -19.95 -10.64
C VAL B 171 -9.70 -19.86 -10.15
N VAL B 172 -8.76 -20.09 -11.05
CA VAL B 172 -7.34 -19.83 -10.81
C VAL B 172 -6.98 -18.59 -11.61
N LYS B 173 -6.41 -17.60 -10.93
CA LYS B 173 -6.05 -16.36 -11.61
C LYS B 173 -4.77 -15.82 -11.01
N PRO B 174 -3.95 -15.10 -11.78
CA PRO B 174 -2.83 -14.39 -11.17
C PRO B 174 -3.36 -13.39 -10.16
N ASN B 175 -2.57 -13.15 -9.11
CA ASN B 175 -3.01 -12.20 -8.10
C ASN B 175 -3.03 -10.76 -8.60
N SER B 176 -2.22 -10.44 -9.60
CA SER B 176 -2.02 -9.04 -9.99
C SER B 176 -1.98 -8.89 -11.51
N GLN B 177 -2.97 -9.44 -12.20
CA GLN B 177 -3.09 -9.25 -13.63
C GLN B 177 -4.34 -8.44 -13.93
N GLY B 178 -4.66 -8.31 -15.22
CA GLY B 178 -5.89 -7.68 -15.68
C GLY B 178 -6.29 -8.26 -17.02
N SER B 179 -7.45 -7.86 -17.49
CA SER B 179 -7.97 -8.26 -18.80
C SER B 179 -8.13 -9.78 -18.91
N THR B 180 -8.28 -10.47 -17.78
CA THR B 180 -8.46 -11.92 -17.70
C THR B 180 -7.20 -12.67 -18.14
N VAL B 181 -6.05 -11.98 -18.14
CA VAL B 181 -4.80 -12.64 -18.50
C VAL B 181 -4.45 -13.70 -17.47
N GLY B 182 -4.12 -14.90 -17.93
CA GLY B 182 -3.65 -15.95 -17.07
C GLY B 182 -4.69 -16.71 -16.28
N LEU B 183 -5.98 -16.49 -16.56
CA LEU B 183 -7.07 -17.03 -15.76
C LEU B 183 -7.63 -18.30 -16.39
N SER B 184 -7.88 -19.30 -15.56
CA SER B 184 -8.48 -20.56 -15.98
C SER B 184 -9.65 -20.93 -15.08
N ILE B 185 -10.63 -21.64 -15.65
CA ILE B 185 -11.68 -22.29 -14.87
C ILE B 185 -11.26 -23.74 -14.68
N VAL B 186 -11.18 -24.18 -13.43
CA VAL B 186 -10.72 -25.53 -13.07
C VAL B 186 -11.93 -26.35 -12.64
N HIS B 187 -12.21 -27.42 -13.37
CA HIS B 187 -13.39 -28.25 -13.13
C HIS B 187 -13.10 -29.49 -12.30
N SER B 188 -11.83 -29.86 -12.14
CA SER B 188 -11.48 -31.05 -11.39
C SER B 188 -10.06 -30.89 -10.86
N GLN B 189 -9.71 -31.74 -9.89
CA GLN B 189 -8.41 -31.63 -9.24
C GLN B 189 -7.26 -31.80 -10.23
N ALA B 190 -7.45 -32.63 -11.27
CA ALA B 190 -6.38 -32.87 -12.24
C ALA B 190 -6.08 -31.65 -13.09
N GLU B 191 -7.03 -30.71 -13.19
CA GLU B 191 -6.83 -29.49 -13.97
C GLU B 191 -6.15 -28.39 -13.17
N LEU B 192 -5.94 -28.59 -11.87
CA LEU B 192 -5.53 -27.50 -10.99
C LEU B 192 -4.07 -27.11 -11.21
N GLN B 193 -3.17 -28.09 -11.19
CA GLN B 193 -1.74 -27.76 -11.34
C GLN B 193 -1.42 -27.07 -12.65
N PRO B 194 -1.89 -27.51 -13.83
CA PRO B 194 -1.61 -26.75 -15.05
C PRO B 194 -2.14 -25.33 -15.00
N ALA B 195 -3.28 -25.11 -14.35
CA ALA B 195 -3.81 -23.75 -14.24
C ALA B 195 -2.94 -22.88 -13.34
N ILE B 196 -2.44 -23.44 -12.24
CA ILE B 196 -1.56 -22.68 -11.36
C ILE B 196 -0.25 -22.36 -12.07
N GLU B 197 0.29 -23.31 -12.84
CA GLU B 197 1.50 -23.05 -13.61
C GLU B 197 1.27 -21.94 -14.64
N LEU B 198 0.10 -21.96 -15.30
CA LEU B 198 -0.24 -20.91 -16.25
C LEU B 198 -0.30 -19.55 -15.57
N ALA B 199 -1.05 -19.45 -14.48
CA ALA B 199 -1.15 -18.18 -13.78
C ALA B 199 0.19 -17.71 -13.26
N GLY B 200 1.09 -18.65 -12.94
CA GLY B 200 2.40 -18.31 -12.42
C GLY B 200 3.34 -17.72 -13.45
N ARG B 201 3.04 -17.88 -14.74
CA ARG B 201 3.85 -17.22 -15.77
C ARG B 201 3.62 -15.72 -15.82
N TYR B 202 2.64 -15.20 -15.07
CA TYR B 202 2.24 -13.80 -15.18
C TYR B 202 2.38 -13.04 -13.87
N GLY B 203 3.09 -13.59 -12.90
CA GLY B 203 3.25 -12.93 -11.62
C GLY B 203 3.67 -13.92 -10.55
N ASP B 204 3.93 -13.37 -9.37
CA ASP B 204 4.51 -14.14 -8.27
C ASP B 204 3.47 -14.83 -7.39
N GLU B 205 2.25 -14.34 -7.34
CA GLU B 205 1.21 -14.94 -6.50
C GLU B 205 0.04 -15.40 -7.36
N VAL B 206 -0.61 -16.48 -6.92
CA VAL B 206 -1.68 -17.12 -7.67
C VAL B 206 -2.86 -17.34 -6.73
N MET B 207 -4.04 -16.93 -7.16
CA MET B 207 -5.26 -17.03 -6.35
C MET B 207 -6.15 -18.15 -6.86
N LEU B 208 -6.70 -18.91 -5.90
CA LEU B 208 -7.72 -19.92 -6.13
C LEU B 208 -9.00 -19.40 -5.49
N GLU B 209 -10.03 -19.13 -6.29
CA GLU B 209 -11.23 -18.46 -5.84
C GLU B 209 -12.46 -19.27 -6.21
N ARG B 210 -13.43 -19.31 -5.29
CA ARG B 210 -14.69 -20.01 -5.59
C ARG B 210 -15.37 -19.40 -6.79
N PHE B 211 -15.80 -20.24 -7.71
CA PHE B 211 -16.49 -19.78 -8.91
C PHE B 211 -17.93 -19.37 -8.58
N VAL B 212 -18.30 -18.16 -8.94
CA VAL B 212 -19.66 -17.67 -8.73
C VAL B 212 -20.40 -17.80 -10.07
N ALA B 213 -21.33 -18.75 -10.13
CA ALA B 213 -22.17 -18.86 -11.32
C ALA B 213 -23.20 -17.75 -11.34
N GLY B 214 -23.48 -17.23 -12.52
CA GLY B 214 -24.52 -16.24 -12.66
C GLY B 214 -24.17 -15.22 -13.73
N ARG B 215 -24.51 -13.97 -13.44
CA ARG B 215 -24.40 -12.87 -14.39
C ARG B 215 -23.16 -12.02 -14.10
N GLU B 216 -22.79 -11.20 -15.08
CA GLU B 216 -21.57 -10.40 -15.05
C GLU B 216 -21.98 -8.93 -15.03
N VAL B 217 -21.60 -8.23 -13.95
CA VAL B 217 -22.02 -6.86 -13.69
C VAL B 217 -20.78 -6.01 -13.36
N THR B 218 -20.80 -4.74 -13.78
CA THR B 218 -19.68 -3.86 -13.51
C THR B 218 -20.18 -2.45 -13.20
N VAL B 219 -19.49 -1.76 -12.29
CA VAL B 219 -19.93 -0.45 -11.83
C VAL B 219 -18.76 0.52 -11.90
N GLY B 220 -18.90 1.55 -12.73
CA GLY B 220 -17.92 2.63 -12.73
C GLY B 220 -18.23 3.66 -11.67
N VAL B 221 -17.17 4.30 -11.17
CA VAL B 221 -17.27 5.43 -10.26
C VAL B 221 -16.48 6.58 -10.86
N LEU B 222 -17.05 7.80 -10.79
CA LEU B 222 -16.38 9.01 -11.22
C LEU B 222 -16.54 10.06 -10.12
N ASP B 223 -15.42 10.47 -9.52
CA ASP B 223 -15.38 11.42 -8.41
C ASP B 223 -16.47 11.17 -7.38
N ASP B 224 -16.37 10.06 -6.65
CA ASP B 224 -17.25 9.74 -5.53
C ASP B 224 -18.72 9.64 -5.93
N GLN B 225 -19.02 9.41 -7.22
CA GLN B 225 -20.38 9.16 -7.67
C GLN B 225 -20.41 7.89 -8.51
N ALA B 226 -21.40 7.03 -8.26
CA ALA B 226 -21.55 5.82 -9.03
C ALA B 226 -22.21 6.12 -10.37
N LEU B 227 -21.71 5.47 -11.42
CA LEU B 227 -22.31 5.55 -12.75
C LEU B 227 -23.31 4.42 -12.94
N PRO B 228 -24.15 4.48 -13.97
CA PRO B 228 -25.11 3.40 -14.21
C PRO B 228 -24.44 2.03 -14.32
N VAL B 229 -25.11 1.03 -13.75
CA VAL B 229 -24.59 -0.34 -13.75
C VAL B 229 -24.61 -0.89 -15.17
N GLY B 230 -23.60 -1.70 -15.51
CA GLY B 230 -23.57 -2.39 -16.78
C GLY B 230 -23.55 -3.90 -16.60
N GLU B 231 -24.18 -4.60 -17.54
CA GLU B 231 -24.14 -6.05 -17.60
C GLU B 231 -23.44 -6.50 -18.87
N ILE B 232 -22.56 -7.48 -18.74
CA ILE B 232 -21.93 -8.12 -19.90
C ILE B 232 -22.62 -9.47 -20.09
N LEU B 233 -23.23 -9.64 -21.26
CA LEU B 233 -23.95 -10.87 -21.59
C LEU B 233 -22.97 -11.87 -22.17
N LEU B 234 -22.67 -12.93 -21.41
CA LEU B 234 -21.65 -13.89 -21.81
C LEU B 234 -22.20 -15.06 -22.60
N GLY B 235 -23.51 -15.22 -22.69
CA GLY B 235 -24.06 -16.37 -23.38
C GLY B 235 -23.75 -17.64 -22.61
N GLY B 236 -23.25 -18.65 -23.31
CA GLY B 236 -22.87 -19.88 -22.66
C GLY B 236 -21.51 -19.88 -22.00
N GLN B 237 -20.76 -18.79 -22.11
CA GLN B 237 -19.40 -18.75 -21.61
C GLN B 237 -19.36 -18.62 -20.09
N GLU B 238 -18.35 -19.24 -19.50
CA GLU B 238 -18.19 -19.20 -18.04
C GLU B 238 -17.64 -17.86 -17.57
N VAL B 239 -16.67 -17.32 -18.30
CA VAL B 239 -15.96 -16.10 -17.89
C VAL B 239 -15.91 -15.13 -19.05
N PHE B 240 -15.51 -13.90 -18.72
CA PHE B 240 -15.33 -12.80 -19.67
C PHE B 240 -13.83 -12.75 -19.97
N ASP B 241 -13.41 -13.31 -21.10
CA ASP B 241 -11.99 -13.54 -21.36
C ASP B 241 -11.38 -12.41 -22.19
N TYR B 242 -10.06 -12.51 -22.38
CA TYR B 242 -9.31 -11.50 -23.12
C TYR B 242 -9.89 -11.23 -24.49
N GLU B 243 -10.20 -12.27 -25.27
CA GLU B 243 -10.59 -12.04 -26.65
C GLU B 243 -11.98 -11.39 -26.72
N HIS B 244 -12.91 -11.77 -25.84
CA HIS B 244 -14.20 -11.11 -25.86
C HIS B 244 -14.19 -9.72 -25.23
N LYS B 245 -13.15 -9.37 -24.47
CA LYS B 245 -13.14 -8.04 -23.86
C LYS B 245 -12.83 -6.94 -24.87
N TYR B 246 -12.13 -7.27 -25.97
CA TYR B 246 -11.57 -6.22 -26.82
C TYR B 246 -11.82 -6.39 -28.31
N GLN B 247 -12.74 -7.28 -28.72
CA GLN B 247 -13.21 -7.32 -30.09
C GLN B 247 -14.62 -6.74 -30.15
N ALA B 248 -14.83 -5.80 -31.06
CA ALA B 248 -16.13 -5.14 -31.19
C ALA B 248 -17.22 -6.16 -31.48
N GLY B 249 -18.29 -6.09 -30.71
CA GLY B 249 -19.42 -6.98 -30.92
C GLY B 249 -19.22 -8.40 -30.49
N ALA B 250 -18.09 -8.74 -29.87
CA ALA B 250 -17.89 -10.10 -29.37
C ALA B 250 -18.91 -10.43 -28.28
N VAL B 251 -19.28 -9.46 -27.47
CA VAL B 251 -20.31 -9.63 -26.44
C VAL B 251 -21.18 -8.38 -26.42
N ARG B 252 -22.42 -8.57 -26.00
CA ARG B 252 -23.33 -7.44 -25.78
C ARG B 252 -23.13 -6.89 -24.37
N GLU B 253 -23.05 -5.57 -24.27
CA GLU B 253 -22.83 -4.86 -23.02
C GLU B 253 -23.95 -3.85 -22.86
N VAL B 254 -24.67 -3.91 -21.75
CA VAL B 254 -25.93 -3.17 -21.57
C VAL B 254 -25.76 -2.16 -20.45
N PHE B 255 -25.92 -0.88 -20.78
CA PHE B 255 -25.89 0.22 -19.83
C PHE B 255 -27.12 1.07 -20.07
N PRO B 256 -28.00 1.26 -19.07
CA PRO B 256 -28.02 0.65 -17.74
C PRO B 256 -28.46 -0.80 -17.82
N ALA B 257 -27.89 -1.67 -16.99
CA ALA B 257 -28.22 -3.09 -17.05
C ALA B 257 -29.70 -3.31 -16.75
N ASP B 258 -30.25 -4.36 -17.36
CA ASP B 258 -31.63 -4.79 -17.10
C ASP B 258 -31.62 -5.62 -15.82
N LEU B 259 -31.68 -4.90 -14.71
CA LEU B 259 -31.63 -5.45 -13.36
C LEU B 259 -32.79 -4.90 -12.55
N PRO B 260 -33.27 -5.64 -11.56
CA PRO B 260 -34.19 -5.06 -10.58
C PRO B 260 -33.56 -3.86 -9.93
N PRO B 261 -34.30 -2.76 -9.76
CA PRO B 261 -33.68 -1.51 -9.26
C PRO B 261 -32.94 -1.67 -7.95
N ALA B 262 -33.36 -2.58 -7.07
CA ALA B 262 -32.70 -2.74 -5.79
C ALA B 262 -31.36 -3.44 -5.92
N ILE B 263 -31.20 -4.31 -6.92
CA ILE B 263 -29.92 -4.97 -7.12
C ILE B 263 -28.92 -4.00 -7.75
N ALA B 264 -29.36 -3.19 -8.71
CA ALA B 264 -28.47 -2.19 -9.29
C ALA B 264 -28.05 -1.16 -8.24
N ALA B 265 -28.99 -0.72 -7.40
CA ALA B 265 -28.66 0.22 -6.35
C ALA B 265 -27.66 -0.37 -5.37
N GLU B 266 -27.79 -1.66 -5.07
CA GLU B 266 -26.84 -2.31 -4.17
C GLU B 266 -25.45 -2.41 -4.80
N ALA B 267 -25.39 -2.76 -6.09
CA ALA B 267 -24.11 -2.82 -6.77
C ALA B 267 -23.40 -1.47 -6.74
N GLN B 268 -24.17 -0.37 -6.89
CA GLN B 268 -23.58 0.95 -6.82
C GLN B 268 -23.15 1.30 -5.41
N ARG B 269 -23.97 0.96 -4.42
CA ARG B 269 -23.59 1.17 -3.02
C ARG B 269 -22.30 0.45 -2.68
N LEU B 270 -22.17 -0.79 -3.13
CA LEU B 270 -20.98 -1.59 -2.81
C LEU B 270 -19.74 -1.06 -3.52
N ALA B 271 -19.89 -0.65 -4.78
CA ALA B 271 -18.75 -0.12 -5.53
C ALA B 271 -18.21 1.16 -4.90
N LEU B 272 -19.09 2.05 -4.44
CA LEU B 272 -18.63 3.24 -3.74
C LEU B 272 -17.91 2.87 -2.44
N LYS B 273 -18.42 1.86 -1.73
CA LYS B 273 -17.75 1.42 -0.52
C LYS B 273 -16.35 0.87 -0.84
N VAL B 274 -16.22 0.14 -1.94
CA VAL B 274 -14.91 -0.37 -2.36
C VAL B 274 -13.99 0.79 -2.72
N HIS B 275 -14.49 1.72 -3.52
CA HIS B 275 -13.70 2.87 -3.95
C HIS B 275 -13.18 3.66 -2.76
N ARG B 276 -14.05 3.94 -1.79
CA ARG B 276 -13.63 4.65 -0.60
C ARG B 276 -12.72 3.80 0.29
N ALA B 277 -13.00 2.49 0.39
CA ALA B 277 -12.22 1.63 1.26
C ALA B 277 -10.76 1.59 0.85
N LEU B 278 -10.49 1.42 -0.43
CA LEU B 278 -9.12 1.37 -0.94
C LEU B 278 -8.54 2.76 -1.19
N LYS B 279 -9.25 3.82 -0.80
CA LYS B 279 -8.77 5.20 -0.88
C LYS B 279 -8.42 5.59 -2.31
N LEU B 280 -9.25 5.14 -3.25
CA LEU B 280 -9.09 5.45 -4.66
C LEU B 280 -9.41 6.92 -4.91
N SER B 281 -8.96 7.41 -6.07
N SER B 281 -8.95 7.42 -6.06
CA SER B 281 -9.17 8.80 -6.44
CA SER B 281 -9.20 8.81 -6.43
C SER B 281 -9.54 8.89 -7.91
C SER B 281 -9.53 8.91 -7.92
N GLY B 282 -10.37 9.89 -8.24
CA GLY B 282 -10.70 10.17 -9.63
C GLY B 282 -11.79 9.28 -10.21
N TYR B 283 -11.48 8.01 -10.42
CA TYR B 283 -12.42 7.08 -11.04
C TYR B 283 -11.92 5.66 -10.82
N SER B 284 -12.80 4.71 -11.09
CA SER B 284 -12.51 3.28 -10.94
C SER B 284 -13.62 2.48 -11.58
N ARG B 285 -13.39 1.17 -11.74
CA ARG B 285 -14.46 0.30 -12.22
C ARG B 285 -14.38 -1.02 -11.46
N THR B 286 -15.49 -1.39 -10.82
CA THR B 286 -15.56 -2.56 -9.95
C THR B 286 -16.36 -3.66 -10.64
N ASP B 287 -15.86 -4.90 -10.56
CA ASP B 287 -16.47 -6.04 -11.21
C ASP B 287 -17.17 -6.91 -10.17
N PHE B 288 -18.39 -7.34 -10.48
CA PHE B 288 -19.19 -8.22 -9.63
C PHE B 288 -19.71 -9.42 -10.42
N ARG B 289 -19.94 -10.51 -9.70
CA ARG B 289 -20.75 -11.60 -10.21
C ARG B 289 -22.07 -11.59 -9.45
N LEU B 290 -23.17 -11.78 -10.17
CA LEU B 290 -24.51 -11.76 -9.62
C LEU B 290 -25.06 -13.17 -9.70
N ASP B 291 -25.22 -13.82 -8.55
CA ASP B 291 -25.59 -15.23 -8.58
C ASP B 291 -27.11 -15.38 -8.72
N GLU B 292 -27.52 -16.62 -8.96
CA GLU B 292 -28.90 -16.92 -9.29
C GLU B 292 -29.87 -16.65 -8.15
N GLN B 293 -29.35 -16.36 -6.95
CA GLN B 293 -30.16 -16.03 -5.79
C GLN B 293 -30.24 -14.52 -5.56
N GLY B 294 -29.71 -13.71 -6.46
CA GLY B 294 -29.77 -12.27 -6.33
C GLY B 294 -28.69 -11.64 -5.47
N ARG B 295 -27.61 -12.36 -5.18
CA ARG B 295 -26.55 -11.85 -4.31
C ARG B 295 -25.34 -11.45 -5.15
N LEU B 296 -24.76 -10.29 -4.82
CA LEU B 296 -23.61 -9.75 -5.53
C LEU B 296 -22.31 -10.13 -4.85
N TRP B 297 -21.32 -10.54 -5.66
CA TRP B 297 -20.02 -10.96 -5.18
C TRP B 297 -18.97 -10.09 -5.87
N CYS B 298 -18.16 -9.38 -5.07
CA CYS B 298 -17.17 -8.47 -5.65
C CYS B 298 -15.90 -9.23 -6.03
N LEU B 299 -15.51 -9.12 -7.30
CA LEU B 299 -14.29 -9.76 -7.76
C LEU B 299 -13.06 -8.88 -7.55
N GLU B 300 -13.13 -7.63 -8.02
CA GLU B 300 -11.94 -6.77 -8.02
C GLU B 300 -12.40 -5.34 -8.30
N VAL B 301 -11.47 -4.40 -8.09
CA VAL B 301 -11.64 -3.03 -8.57
C VAL B 301 -10.42 -2.66 -9.39
N ASN B 302 -10.64 -1.85 -10.44
CA ASN B 302 -9.60 -1.45 -11.38
C ASN B 302 -9.44 0.06 -11.29
N THR B 303 -8.22 0.53 -10.97
CA THR B 303 -8.00 1.96 -10.86
C THR B 303 -7.71 2.63 -12.20
N LEU B 304 -7.24 1.88 -13.20
CA LEU B 304 -7.01 2.41 -14.55
C LEU B 304 -7.82 1.59 -15.55
N PRO B 305 -9.15 1.71 -15.52
CA PRO B 305 -9.97 0.88 -16.40
C PRO B 305 -9.84 1.33 -17.85
N GLY B 306 -10.25 0.43 -18.75
CA GLY B 306 -10.08 0.69 -20.17
C GLY B 306 -10.82 1.94 -20.61
N MET B 307 -10.22 2.64 -21.57
CA MET B 307 -10.76 3.88 -22.10
C MET B 307 -10.86 3.82 -23.62
N THR B 308 -11.07 2.62 -24.16
CA THR B 308 -11.09 2.37 -25.59
C THR B 308 -12.51 2.59 -26.13
N ALA B 309 -12.73 2.17 -27.37
CA ALA B 309 -14.07 2.27 -27.96
C ALA B 309 -15.03 1.31 -27.29
N THR B 310 -14.64 0.04 -27.19
CA THR B 310 -15.47 -1.02 -26.64
C THR B 310 -15.48 -1.05 -25.11
N SER B 311 -14.88 -0.07 -24.44
CA SER B 311 -14.63 -0.21 -23.01
C SER B 311 -15.85 0.14 -22.17
N LEU B 312 -15.85 -0.44 -20.96
CA LEU B 312 -17.02 -0.42 -20.09
C LEU B 312 -17.20 0.91 -19.37
N LEU B 313 -16.11 1.48 -18.85
CA LEU B 313 -16.25 2.75 -18.12
C LEU B 313 -16.78 3.87 -19.00
N PRO B 314 -16.27 4.08 -20.22
CA PRO B 314 -16.89 5.12 -21.07
C PRO B 314 -18.36 4.88 -21.35
N GLN B 315 -18.78 3.63 -21.49
CA GLN B 315 -20.20 3.35 -21.72
C GLN B 315 -21.04 3.72 -20.49
N ALA B 316 -20.55 3.43 -19.29
CA ALA B 316 -21.26 3.82 -18.08
C ALA B 316 -21.35 5.33 -17.97
N ALA B 317 -20.25 6.03 -18.31
CA ALA B 317 -20.28 7.49 -18.29
C ALA B 317 -21.27 8.03 -19.30
N ALA B 318 -21.33 7.45 -20.50
CA ALA B 318 -22.25 7.94 -21.51
C ALA B 318 -23.69 7.73 -21.08
N ALA B 319 -23.97 6.63 -20.39
CA ALA B 319 -25.31 6.40 -19.87
C ALA B 319 -25.68 7.44 -18.82
N ALA B 320 -24.70 7.94 -18.08
CA ALA B 320 -24.92 9.00 -17.11
C ALA B 320 -25.02 10.38 -17.75
N GLY B 321 -24.86 10.47 -19.08
CA GLY B 321 -24.91 11.74 -19.78
C GLY B 321 -23.57 12.42 -19.97
N ILE B 322 -22.47 11.72 -19.75
CA ILE B 322 -21.13 12.28 -19.84
C ILE B 322 -20.47 11.74 -21.11
N GLY B 323 -20.23 12.62 -22.07
CA GLY B 323 -19.52 12.23 -23.28
C GLY B 323 -18.06 11.94 -23.01
N PHE B 324 -17.42 11.29 -23.99
CA PHE B 324 -16.08 10.75 -23.77
C PHE B 324 -15.06 11.86 -23.57
N ALA B 325 -15.15 12.94 -24.36
CA ALA B 325 -14.22 14.05 -24.19
C ALA B 325 -14.35 14.68 -22.83
N GLU B 326 -15.59 14.96 -22.41
CA GLU B 326 -15.82 15.52 -21.08
C GLU B 326 -15.28 14.60 -19.99
N LEU B 327 -15.49 13.29 -20.14
CA LEU B 327 -14.96 12.33 -19.18
C LEU B 327 -13.45 12.45 -19.06
N CYS B 328 -12.76 12.50 -20.20
CA CYS B 328 -11.31 12.60 -20.16
C CYS B 328 -10.86 13.88 -19.48
N GLU B 329 -11.49 15.01 -19.82
CA GLU B 329 -11.14 16.28 -19.20
C GLU B 329 -11.39 16.26 -17.70
N ARG B 330 -12.51 15.68 -17.27
CA ARG B 330 -12.82 15.66 -15.85
C ARG B 330 -11.83 14.81 -15.08
N ILE B 331 -11.39 13.69 -15.67
CA ILE B 331 -10.35 12.88 -15.05
C ILE B 331 -9.05 13.67 -14.91
N CYS B 332 -8.69 14.43 -15.96
CA CYS B 332 -7.52 15.30 -15.88
C CYS B 332 -7.61 16.27 -14.71
N ARG B 333 -8.74 16.95 -14.56
CA ARG B 333 -8.85 17.98 -13.54
C ARG B 333 -8.95 17.38 -12.15
N LEU B 334 -9.53 16.19 -12.02
CA LEU B 334 -9.50 15.50 -10.74
C LEU B 334 -8.08 15.13 -10.34
N GLY B 335 -7.27 14.71 -11.31
CA GLY B 335 -5.88 14.40 -11.00
C GLY B 335 -5.09 15.63 -10.60
N ILE B 336 -5.36 16.77 -11.25
CA ILE B 336 -4.68 18.01 -10.90
C ILE B 336 -5.04 18.44 -9.49
N GLU B 337 -6.34 18.40 -9.17
CA GLU B 337 -6.79 18.81 -7.84
C GLU B 337 -6.15 17.96 -6.76
N ARG B 338 -6.03 16.65 -6.99
CA ARG B 338 -5.45 15.77 -5.98
C ARG B 338 -3.98 16.08 -5.77
N CYS B 339 -3.21 16.18 -6.84
CA CYS B 339 -1.77 16.42 -6.74
C CYS B 339 -1.47 17.92 -6.64
PB ADP C . 4.51 5.38 16.19
O1B ADP C . 5.40 4.62 17.14
O2B ADP C . 4.59 6.89 16.29
O3B ADP C . 4.45 4.86 14.77
PA ADP C . 2.43 4.03 17.75
O1A ADP C . 1.04 3.58 17.34
O2A ADP C . 3.47 2.97 18.05
O3A ADP C . 3.00 5.14 16.71
O5' ADP C . 2.26 4.92 19.07
C5' ADP C . 3.41 5.43 19.73
C4' ADP C . 3.24 5.28 21.22
O4' ADP C . 2.01 5.89 21.64
C3' ADP C . 3.12 3.82 21.61
O3' ADP C . 4.40 3.22 21.85
C2' ADP C . 2.27 3.87 22.86
O2' ADP C . 3.08 4.19 23.99
C1' ADP C . 1.38 5.07 22.62
N9 ADP C . 0.10 4.63 22.05
C8 ADP C . -0.26 4.72 20.76
N7 ADP C . -1.52 4.25 20.58
C5 ADP C . -1.98 3.85 21.78
C6 ADP C . -3.23 3.27 22.30
N6 ADP C . -4.27 3.00 21.48
N1 ADP C . -3.30 3.02 23.62
C2 ADP C . -2.28 3.28 24.46
N3 ADP C . -1.11 3.81 24.06
C4 ADP C . -0.91 4.12 22.75
O11 DS0 D . 8.57 4.72 16.98
P8 DS0 D . 8.06 3.55 16.18
O9 DS0 D . 7.24 2.61 17.03
O10 DS0 D . 7.32 4.02 14.95
O7 DS0 D . 9.35 2.67 15.65
C3 DS0 D . 10.47 3.34 15.15
N2 DS0 D . 11.61 2.57 14.63
O1 DS0 D . 12.45 3.38 13.93
C5 DS0 D . 11.89 4.81 14.11
C4 DS0 D . 10.41 4.56 14.60
N6 DS0 D . 9.48 4.57 13.42
MG MG E . 5.70 3.36 14.03
MG MG F . 5.38 2.58 17.58
K K G . 4.24 1.91 10.87
PB ADP H . -9.17 -9.17 -14.25
O1B ADP H . -10.37 -8.56 -14.94
O2B ADP H . -8.37 -8.16 -13.45
O3B ADP H . -8.32 -10.03 -15.13
PA ADP H . -11.28 -10.45 -12.67
O1A ADP H . -11.26 -10.94 -11.24
O2A ADP H . -12.15 -9.29 -13.01
O3A ADP H . -9.74 -10.16 -13.09
O5' ADP H . -11.73 -11.70 -13.57
C5' ADP H . -11.79 -11.62 -14.99
C4' ADP H . -13.07 -12.33 -15.42
O4' ADP H . -13.05 -13.72 -15.02
C3' ADP H . -14.30 -11.74 -14.75
O3' ADP H . -14.84 -10.66 -15.51
C2' ADP H . -15.25 -12.93 -14.66
O2' ADP H . -15.94 -13.10 -15.90
C1' ADP H . -14.32 -14.11 -14.50
N9 ADP H . -14.16 -14.43 -13.07
C8 ADP H . -13.12 -14.07 -12.29
N7 ADP H . -13.29 -14.52 -11.01
C5 ADP H . -14.46 -15.19 -10.98
C6 ADP H . -15.24 -15.90 -9.95
N6 ADP H . -14.79 -16.01 -8.68
N1 ADP H . -16.42 -16.44 -10.34
C2 ADP H . -16.88 -16.33 -11.60
N3 ADP H . -16.22 -15.70 -12.58
C4 ADP H . -15.03 -15.12 -12.34
O11 DS0 I . -9.04 -5.89 -15.24
P8 DS0 I . -10.25 -5.72 -16.13
O9 DS0 I . -11.53 -6.12 -15.42
O10 DS0 I . -10.11 -6.46 -17.43
O7 DS0 I . -10.44 -4.12 -16.45
C3 DS0 I . -9.54 -3.52 -17.33
N2 DS0 I . -9.75 -2.17 -17.87
O1 DS0 I . -8.71 -1.78 -18.65
C5 DS0 I . -7.88 -3.08 -18.87
C4 DS0 I . -8.36 -4.04 -17.70
N6 DS0 I . -7.37 -3.95 -16.56
MG MG J . -8.75 -6.15 -13.31
MG MG K . -12.04 -7.58 -14.10
K K L . -7.31 -4.74 -10.10
#